data_5L39
#
_entry.id   5L39
#
_cell.length_a   132.140
_cell.length_b   143.480
_cell.length_c   116.990
_cell.angle_alpha   90.00
_cell.angle_beta   90.00
_cell.angle_gamma   90.00
#
_symmetry.space_group_name_H-M   'C 2 2 21'
#
loop_
_entity.id
_entity.type
_entity.pdbx_description
1 polymer 'RMM microcompartment shell protein MSM0275'
2 non-polymer 'CHLORIDE ION'
3 water water
#
_entity_poly.entity_id   1
_entity_poly.type   'polypeptide(L)'
_entity_poly.pdbx_seq_one_letter_code
;MAELRSFIFIDRLQPQTMSYLGTWIKGALPRANMAAQIIEVAPGLDIEGVTDVALKHAEVKAGILVVERQFGYLEFHGET
GAVKAAADAALDYLGGDPDAAVRPEILASRIISSIDHQHAFLINRNKIGSMVLPGESLFVLEVAPASYAILATNEAEKAA
DVKVVDFRMIGATGRVYLSGTEADVRQAADAARDALAVLQGAKLAAALEHHHHHH
;
_entity_poly.pdbx_strand_id   A,B,C,D,E,F
#
# COMPACT_ATOMS: atom_id res chain seq x y z
N ALA A 2 32.34 1.28 8.01
CA ALA A 2 31.08 1.78 8.53
C ALA A 2 31.04 3.31 8.49
N GLU A 3 29.92 3.88 8.92
CA GLU A 3 29.74 5.33 8.86
C GLU A 3 28.63 5.79 9.81
N LEU A 4 29.00 6.65 10.76
CA LEU A 4 28.02 7.30 11.61
C LEU A 4 27.48 8.53 10.87
N ARG A 5 26.26 8.45 10.37
CA ARG A 5 25.74 9.52 9.51
C ARG A 5 25.12 10.66 10.32
N SER A 6 24.54 10.32 11.47
CA SER A 6 24.03 11.33 12.38
C SER A 6 23.95 10.79 13.80
N PHE A 7 24.12 11.70 14.75
CA PHE A 7 23.94 11.37 16.15
C PHE A 7 23.29 12.61 16.77
N ILE A 8 21.96 12.64 16.72
CA ILE A 8 21.19 13.85 16.98
C ILE A 8 20.39 13.78 18.27
N PHE A 9 20.60 14.75 19.15
CA PHE A 9 19.81 14.85 20.38
C PHE A 9 18.74 15.94 20.25
N ILE A 10 17.49 15.55 20.44
CA ILE A 10 16.38 16.51 20.47
C ILE A 10 15.99 16.78 21.93
N ASP A 11 16.24 17.99 22.41
CA ASP A 11 16.02 18.28 23.83
C ASP A 11 14.54 18.18 24.19
N ARG A 12 13.69 18.65 23.30
CA ARG A 12 12.27 18.72 23.57
C ARG A 12 11.51 18.60 22.26
N LEU A 13 10.85 17.46 22.06
CA LEU A 13 10.11 17.23 20.85
C LEU A 13 8.90 18.15 20.79
N GLN A 14 8.72 18.80 19.65
CA GLN A 14 7.64 19.76 19.48
C GLN A 14 6.38 19.05 18.98
N PRO A 15 5.20 19.62 19.27
CA PRO A 15 3.89 19.08 18.88
C PRO A 15 3.79 18.57 17.44
N GLN A 16 4.01 19.43 16.45
CA GLN A 16 3.84 19.01 15.06
C GLN A 16 4.89 17.99 14.64
N THR A 17 6.13 18.24 15.03
CA THR A 17 7.23 17.33 14.77
C THR A 17 6.88 15.94 15.28
N MET A 18 6.40 15.90 16.51
CA MET A 18 6.02 14.67 17.18
C MET A 18 4.73 14.11 16.60
N SER A 19 3.80 15.00 16.28
CA SER A 19 2.53 14.59 15.68
C SER A 19 2.78 14.03 14.30
N TYR A 20 3.65 14.68 13.53
CA TYR A 20 3.99 14.18 12.21
C TYR A 20 4.72 12.85 12.33
N LEU A 21 5.67 12.80 13.26
CA LEU A 21 6.40 11.57 13.54
C LEU A 21 5.41 10.46 13.83
N GLY A 22 4.54 10.71 14.82
CA GLY A 22 3.53 9.74 15.22
C GLY A 22 2.62 9.29 14.10
N THR A 23 2.50 10.09 13.05
CA THR A 23 1.67 9.74 11.91
C THR A 23 2.12 8.44 11.26
N TRP A 24 3.42 8.19 11.19
CA TRP A 24 3.89 7.04 10.43
C TRP A 24 4.74 6.02 11.21
N ILE A 25 5.37 6.43 12.30
CA ILE A 25 6.29 5.52 13.01
C ILE A 25 5.56 4.32 13.60
N LYS A 26 6.28 3.20 13.70
CA LYS A 26 5.68 1.94 14.12
C LYS A 26 6.05 1.56 15.56
N GLY A 27 7.06 2.22 16.09
CA GLY A 27 7.47 1.99 17.46
C GLY A 27 6.58 2.73 18.45
N ALA A 28 7.10 2.97 19.65
CA ALA A 28 6.35 3.63 20.70
C ALA A 28 6.14 5.12 20.39
N LEU A 29 5.06 5.68 20.90
CA LEU A 29 4.69 7.07 20.64
C LEU A 29 5.03 7.94 21.83
N PRO A 30 5.72 9.07 21.59
CA PRO A 30 6.13 9.96 22.69
C PRO A 30 4.97 10.81 23.23
N ARG A 31 5.00 11.08 24.53
CA ARG A 31 4.05 12.02 25.14
C ARG A 31 4.64 13.43 25.05
N ALA A 32 3.95 14.39 25.69
CA ALA A 32 4.33 15.80 25.63
C ALA A 32 5.79 16.08 26.01
N ASN A 33 6.50 16.74 25.10
CA ASN A 33 7.80 17.37 25.36
C ASN A 33 8.89 16.44 25.90
N MET A 34 8.86 15.18 25.47
CA MET A 34 9.94 14.25 25.75
C MET A 34 11.19 14.65 24.99
N ALA A 35 12.34 14.19 25.46
CA ALA A 35 13.59 14.28 24.71
C ALA A 35 13.69 13.09 23.78
N ALA A 36 14.52 13.20 22.75
CA ALA A 36 14.70 12.10 21.81
C ALA A 36 16.11 12.05 21.26
N GLN A 37 16.51 10.87 20.83
CA GLN A 37 17.81 10.69 20.21
C GLN A 37 17.60 10.04 18.86
N ILE A 38 18.32 10.53 17.85
CA ILE A 38 18.23 9.93 16.52
C ILE A 38 19.62 9.53 16.04
N ILE A 39 19.71 8.30 15.53
CA ILE A 39 20.99 7.78 15.07
C ILE A 39 20.83 7.18 13.68
N GLU A 40 21.68 7.60 12.74
CA GLU A 40 21.64 7.05 11.39
C GLU A 40 23.01 6.48 11.02
N VAL A 41 23.04 5.29 10.44
CA VAL A 41 24.32 4.67 10.11
C VAL A 41 24.34 4.00 8.73
N ALA A 42 25.55 3.81 8.22
CA ALA A 42 25.81 2.93 7.09
C ALA A 42 26.95 1.99 7.51
N PRO A 43 26.86 0.70 7.14
CA PRO A 43 25.72 0.09 6.44
C PRO A 43 24.48 0.03 7.34
N GLY A 44 23.31 0.02 6.72
CA GLY A 44 22.05 0.11 7.44
C GLY A 44 21.89 -0.91 8.55
N LEU A 45 22.27 -2.16 8.27
CA LEU A 45 22.06 -3.22 9.23
C LEU A 45 22.87 -3.07 10.52
N ASP A 46 23.89 -2.20 10.53
CA ASP A 46 24.64 -1.93 11.75
C ASP A 46 23.75 -1.32 12.84
N ILE A 47 22.58 -0.80 12.46
CA ILE A 47 21.70 -0.16 13.42
C ILE A 47 21.13 -1.18 14.43
N GLU A 48 21.12 -2.45 14.05
CA GLU A 48 20.56 -3.46 14.95
C GLU A 48 21.41 -3.62 16.20
N GLY A 49 22.74 -3.62 16.03
CA GLY A 49 23.64 -3.68 17.18
C GLY A 49 23.54 -2.43 18.04
N VAL A 50 23.39 -1.29 17.37
CA VAL A 50 23.18 -0.02 18.05
C VAL A 50 21.94 -0.07 18.92
N THR A 51 20.85 -0.57 18.35
CA THR A 51 19.57 -0.67 19.06
C THR A 51 19.67 -1.57 20.29
N ASP A 52 20.33 -2.71 20.12
CA ASP A 52 20.56 -3.68 21.19
C ASP A 52 21.21 -3.00 22.40
N VAL A 53 22.29 -2.26 22.14
CA VAL A 53 22.98 -1.54 23.19
C VAL A 53 22.11 -0.45 23.83
N ALA A 54 21.49 0.38 22.99
CA ALA A 54 20.76 1.55 23.48
C ALA A 54 19.57 1.14 24.37
N LEU A 55 18.82 0.15 23.92
CA LEU A 55 17.60 -0.24 24.59
C LEU A 55 17.86 -1.06 25.85
N LYS A 56 19.04 -1.67 25.95
CA LYS A 56 19.39 -2.42 27.15
C LYS A 56 19.91 -1.53 28.27
N HIS A 57 20.37 -0.32 27.95
CA HIS A 57 21.06 0.49 28.96
C HIS A 57 20.18 1.50 29.70
N ALA A 58 19.00 1.81 29.19
CA ALA A 58 18.08 2.71 29.89
C ALA A 58 16.63 2.51 29.46
N GLU A 59 15.71 3.04 30.26
CA GLU A 59 14.29 2.95 29.91
C GLU A 59 13.90 4.06 28.93
N VAL A 60 14.06 3.76 27.65
CA VAL A 60 13.63 4.63 26.57
C VAL A 60 12.63 3.88 25.71
N LYS A 61 11.90 4.60 24.88
CA LYS A 61 10.96 3.96 23.97
C LYS A 61 11.36 4.27 22.53
N ALA A 62 11.59 3.24 21.73
CA ALA A 62 12.01 3.45 20.36
C ALA A 62 10.81 3.69 19.47
N GLY A 63 10.81 4.80 18.76
CA GLY A 63 9.72 5.09 17.85
C GLY A 63 10.07 4.56 16.47
N ILE A 64 11.34 4.68 16.11
CA ILE A 64 11.80 4.28 14.79
C ILE A 64 12.92 3.25 14.85
N LEU A 65 12.69 2.12 14.19
CA LEU A 65 13.75 1.17 13.86
C LEU A 65 13.56 0.81 12.41
N VAL A 66 14.40 1.36 11.55
CA VAL A 66 14.22 1.25 10.12
C VAL A 66 15.54 1.02 9.39
N VAL A 67 15.55 0.02 8.51
CA VAL A 67 16.61 -0.16 7.54
C VAL A 67 16.03 0.04 6.13
N GLU A 68 16.38 1.15 5.50
CA GLU A 68 15.86 1.46 4.16
C GLU A 68 16.83 0.95 3.11
N ARG A 69 16.84 1.58 1.94
CA ARG A 69 17.64 1.06 0.83
C ARG A 69 19.13 0.97 1.17
N GLN A 70 19.64 1.97 1.88
CA GLN A 70 21.07 2.06 2.18
C GLN A 70 21.37 2.18 3.67
N PHE A 71 20.58 3.02 4.34
CA PHE A 71 20.95 3.46 5.68
C PHE A 71 20.01 2.91 6.73
N GLY A 72 20.47 2.91 7.97
CA GLY A 72 19.70 2.40 9.09
C GLY A 72 19.45 3.49 10.11
N TYR A 73 18.28 3.43 10.75
CA TYR A 73 17.83 4.52 11.60
C TYR A 73 17.27 3.98 12.89
N LEU A 74 17.65 4.63 13.99
CA LEU A 74 17.05 4.37 15.29
C LEU A 74 16.60 5.70 15.87
N GLU A 75 15.37 5.74 16.37
CA GLU A 75 14.94 6.87 17.17
C GLU A 75 14.34 6.35 18.47
N PHE A 76 14.70 6.98 19.58
CA PHE A 76 14.06 6.67 20.84
C PHE A 76 13.87 7.92 21.69
N HIS A 77 12.96 7.82 22.64
CA HIS A 77 12.54 8.97 23.43
C HIS A 77 12.10 8.52 24.81
N GLY A 78 11.98 9.50 25.71
CA GLY A 78 11.63 9.24 27.09
C GLY A 78 12.08 10.41 27.93
N GLU A 79 12.13 10.20 29.24
CA GLU A 79 12.63 11.24 30.13
C GLU A 79 14.08 11.56 29.81
N THR A 80 14.46 12.81 30.02
CA THR A 80 15.75 13.34 29.60
C THR A 80 16.94 12.49 30.03
N GLY A 81 17.00 12.15 31.31
CA GLY A 81 18.07 11.34 31.85
C GLY A 81 18.23 10.01 31.12
N ALA A 82 17.12 9.31 30.94
CA ALA A 82 17.14 8.01 30.28
C ALA A 82 17.64 8.10 28.83
N VAL A 83 17.11 9.07 28.08
CA VAL A 83 17.50 9.22 26.68
C VAL A 83 19.01 9.47 26.54
N LYS A 84 19.54 10.33 27.41
CA LYS A 84 20.97 10.66 27.37
C LYS A 84 21.83 9.48 27.79
N ALA A 85 21.37 8.71 28.78
CA ALA A 85 22.06 7.51 29.21
C ALA A 85 22.15 6.51 28.05
N ALA A 86 21.01 6.22 27.44
CA ALA A 86 20.95 5.32 26.29
C ALA A 86 21.80 5.83 25.12
N ALA A 87 21.77 7.15 24.93
CA ALA A 87 22.51 7.78 23.85
C ALA A 87 24.01 7.66 24.03
N ASP A 88 24.50 7.89 25.25
CA ASP A 88 25.93 7.77 25.51
C ASP A 88 26.38 6.32 25.39
N ALA A 89 25.51 5.39 25.76
CA ALA A 89 25.82 3.97 25.59
C ALA A 89 25.94 3.64 24.10
N ALA A 90 24.98 4.11 23.32
CA ALA A 90 25.02 3.92 21.87
C ALA A 90 26.29 4.54 21.30
N LEU A 91 26.63 5.72 21.80
CA LEU A 91 27.79 6.46 21.33
C LEU A 91 29.08 5.71 21.59
N ASP A 92 29.21 5.15 22.79
CA ASP A 92 30.39 4.36 23.14
C ASP A 92 30.52 3.18 22.20
N TYR A 93 29.39 2.55 21.88
CA TYR A 93 29.38 1.42 20.96
C TYR A 93 29.84 1.85 19.56
N LEU A 94 29.50 3.07 19.18
CA LEU A 94 29.81 3.57 17.84
C LEU A 94 31.16 4.25 17.71
N GLY A 95 31.94 4.29 18.79
CA GLY A 95 33.28 4.84 18.74
C GLY A 95 33.60 5.90 19.77
N GLY A 96 32.59 6.41 20.45
CA GLY A 96 32.78 7.38 21.52
C GLY A 96 32.89 8.82 21.09
N ASP A 97 33.09 9.06 19.80
CA ASP A 97 33.25 10.42 19.30
C ASP A 97 32.01 10.88 18.53
N PRO A 98 31.23 11.79 19.13
CA PRO A 98 30.03 12.33 18.48
C PRO A 98 30.35 13.13 17.20
N ASP A 99 31.56 13.65 17.10
CA ASP A 99 31.93 14.46 15.94
C ASP A 99 32.45 13.60 14.79
N ALA A 100 32.40 12.29 14.95
CA ALA A 100 32.69 11.38 13.86
C ALA A 100 31.48 11.33 12.91
N ALA A 101 30.35 11.87 13.37
CA ALA A 101 29.13 11.90 12.59
C ALA A 101 29.31 12.75 11.35
N VAL A 102 28.71 12.33 10.24
CA VAL A 102 28.77 13.13 9.03
C VAL A 102 28.06 14.47 9.26
N ARG A 103 28.74 15.56 8.93
CA ARG A 103 28.14 16.88 9.10
C ARG A 103 27.02 17.09 8.09
N PRO A 104 25.91 17.68 8.53
CA PRO A 104 24.76 17.92 7.65
C PRO A 104 25.12 18.88 6.53
N GLU A 105 24.65 18.58 5.31
CA GLU A 105 24.78 19.48 4.19
C GLU A 105 23.40 19.89 3.67
N ILE A 106 23.20 21.19 3.51
CA ILE A 106 21.99 21.72 2.90
C ILE A 106 22.12 21.65 1.38
N LEU A 107 21.26 20.85 0.73
CA LEU A 107 21.36 20.67 -0.72
C LEU A 107 20.51 21.71 -1.44
N ALA A 108 19.40 22.08 -0.83
CA ALA A 108 18.56 23.15 -1.35
C ALA A 108 17.80 23.79 -0.21
N SER A 109 17.54 25.08 -0.32
CA SER A 109 16.66 25.76 0.61
C SER A 109 16.08 26.96 -0.09
N ARG A 110 14.79 27.16 0.05
CA ARG A 110 14.12 28.22 -0.65
C ARG A 110 12.81 28.59 0.03
N ILE A 111 12.54 29.88 0.08
CA ILE A 111 11.26 30.39 0.51
C ILE A 111 10.45 30.84 -0.71
N ILE A 112 9.30 30.21 -0.95
CA ILE A 112 8.36 30.73 -1.94
C ILE A 112 7.41 31.69 -1.24
N SER A 113 7.43 32.95 -1.66
CA SER A 113 6.79 34.02 -0.90
C SER A 113 5.27 33.94 -0.86
N SER A 114 4.65 33.55 -1.96
CA SER A 114 3.20 33.50 -2.04
C SER A 114 2.80 32.40 -3.00
N ILE A 115 2.47 31.24 -2.46
CA ILE A 115 2.34 30.04 -3.28
C ILE A 115 1.11 30.07 -4.19
N ASP A 116 1.34 29.72 -5.45
CA ASP A 116 0.26 29.59 -6.41
C ASP A 116 -0.71 28.51 -5.92
N HIS A 117 -1.98 28.73 -6.25
CA HIS A 117 -3.08 27.87 -5.83
C HIS A 117 -2.97 26.46 -6.39
N GLN A 118 -2.47 26.35 -7.61
CA GLN A 118 -2.28 25.02 -8.20
C GLN A 118 -1.07 24.35 -7.56
N HIS A 119 -0.01 25.12 -7.34
CA HIS A 119 1.18 24.60 -6.70
C HIS A 119 0.85 24.03 -5.32
N ALA A 120 0.03 24.77 -4.56
CA ALA A 120 -0.36 24.37 -3.20
C ALA A 120 -1.10 23.04 -3.24
N PHE A 121 -2.01 22.94 -4.20
CA PHE A 121 -2.78 21.71 -4.44
C PHE A 121 -1.86 20.53 -4.70
N LEU A 122 -0.89 20.72 -5.60
CA LEU A 122 0.06 19.66 -5.97
C LEU A 122 0.87 19.15 -4.78
N ILE A 123 1.31 20.06 -3.92
CA ILE A 123 2.08 19.68 -2.74
C ILE A 123 1.24 18.87 -1.76
N ASN A 124 -0.03 19.26 -1.62
CA ASN A 124 -0.92 18.62 -0.66
C ASN A 124 -1.22 17.16 -0.99
N ARG A 125 -1.06 16.78 -2.25
CA ARG A 125 -1.28 15.40 -2.66
C ARG A 125 -0.18 14.47 -2.18
N ASN A 126 1.03 15.00 -2.05
CA ASN A 126 2.19 14.21 -1.64
C ASN A 126 2.43 14.25 -0.14
N LYS A 127 2.08 15.35 0.50
CA LYS A 127 2.40 15.56 1.92
C LYS A 127 1.46 14.82 2.86
N ILE A 128 1.93 14.59 4.09
CA ILE A 128 1.13 13.91 5.10
C ILE A 128 0.90 14.78 6.33
N GLY A 129 1.65 15.89 6.40
CA GLY A 129 1.47 16.84 7.47
C GLY A 129 0.24 17.70 7.25
N SER A 130 0.34 18.97 7.62
CA SER A 130 -0.77 19.90 7.43
C SER A 130 -0.73 20.46 6.01
N MET A 131 -1.88 20.95 5.54
CA MET A 131 -1.97 21.44 4.16
C MET A 131 -1.38 22.83 4.00
N VAL A 132 -0.70 23.06 2.88
CA VAL A 132 -0.30 24.41 2.53
C VAL A 132 -1.44 25.05 1.75
N LEU A 133 -1.79 26.27 2.13
CA LEU A 133 -2.93 26.95 1.52
C LEU A 133 -2.45 28.02 0.54
N PRO A 134 -3.23 28.26 -0.52
CA PRO A 134 -2.91 29.32 -1.49
C PRO A 134 -2.63 30.67 -0.84
N GLY A 135 -1.63 31.38 -1.33
CA GLY A 135 -1.26 32.68 -0.79
C GLY A 135 -0.20 32.60 0.30
N GLU A 136 -0.17 31.49 1.03
CA GLU A 136 0.80 31.30 2.11
C GLU A 136 2.24 31.26 1.59
N SER A 137 3.19 31.49 2.49
CA SER A 137 4.59 31.32 2.19
C SER A 137 5.00 29.88 2.45
N LEU A 138 5.98 29.40 1.69
CA LEU A 138 6.43 28.02 1.83
C LEU A 138 7.95 27.95 1.91
N PHE A 139 8.45 27.37 2.99
CA PHE A 139 9.88 27.13 3.09
C PHE A 139 10.15 25.66 2.75
N VAL A 140 11.06 25.43 1.80
CA VAL A 140 11.48 24.06 1.50
C VAL A 140 12.97 23.91 1.76
N LEU A 141 13.34 22.77 2.32
CA LEU A 141 14.72 22.51 2.70
C LEU A 141 15.10 21.07 2.44
N GLU A 142 16.23 20.86 1.78
CA GLU A 142 16.71 19.50 1.55
C GLU A 142 18.07 19.33 2.20
N VAL A 143 18.22 18.29 3.03
CA VAL A 143 19.47 18.08 3.75
C VAL A 143 19.96 16.64 3.61
N ALA A 144 21.27 16.47 3.60
CA ALA A 144 21.88 15.14 3.66
C ALA A 144 23.00 15.15 4.69
N PRO A 145 23.09 14.09 5.53
CA PRO A 145 22.22 12.92 5.68
C PRO A 145 20.77 13.28 6.02
N ALA A 146 19.83 12.42 5.64
CA ALA A 146 18.40 12.71 5.75
C ALA A 146 17.91 12.91 7.18
N SER A 147 18.50 12.22 8.15
CA SER A 147 17.94 12.25 9.51
C SER A 147 18.04 13.65 10.14
N TYR A 148 18.93 14.49 9.63
CA TYR A 148 19.04 15.87 10.16
C TYR A 148 17.77 16.68 9.93
N ALA A 149 16.88 16.21 9.07
CA ALA A 149 15.61 16.88 8.83
C ALA A 149 14.79 17.05 10.11
N ILE A 150 14.86 16.07 11.02
CA ILE A 150 14.06 16.14 12.25
C ILE A 150 14.54 17.28 13.13
N LEU A 151 15.85 17.51 13.14
CA LEU A 151 16.41 18.59 13.94
C LEU A 151 16.02 19.94 13.35
N ALA A 152 16.09 20.06 12.03
CA ALA A 152 15.73 21.30 11.36
C ALA A 152 14.26 21.64 11.63
N THR A 153 13.41 20.63 11.49
CA THR A 153 11.98 20.75 11.69
C THR A 153 11.62 21.10 13.12
N ASN A 154 12.22 20.39 14.07
CA ASN A 154 11.89 20.61 15.47
C ASN A 154 12.30 22.02 15.90
N GLU A 155 13.47 22.45 15.44
CA GLU A 155 13.98 23.78 15.76
C GLU A 155 13.17 24.89 15.08
N ALA A 156 12.70 24.62 13.86
CA ALA A 156 11.84 25.55 13.16
C ALA A 156 10.56 25.80 13.96
N GLU A 157 9.98 24.71 14.46
CA GLU A 157 8.71 24.79 15.19
C GLU A 157 8.87 25.54 16.51
N LYS A 158 10.05 25.42 17.12
CA LYS A 158 10.34 26.14 18.35
C LYS A 158 10.32 27.66 18.15
N ALA A 159 10.78 28.11 16.98
CA ALA A 159 11.04 29.52 16.78
C ALA A 159 9.91 30.29 16.11
N ALA A 160 8.95 29.57 15.56
CA ALA A 160 7.90 30.22 14.79
C ALA A 160 6.63 29.39 14.72
N ASP A 161 5.50 30.07 14.60
CA ASP A 161 4.22 29.40 14.46
C ASP A 161 3.94 29.06 12.99
N VAL A 162 4.55 27.97 12.52
CA VAL A 162 4.35 27.55 11.15
C VAL A 162 3.68 26.19 11.09
N LYS A 163 3.18 25.82 9.93
CA LYS A 163 2.61 24.50 9.72
C LYS A 163 3.65 23.56 9.11
N VAL A 164 3.91 22.45 9.78
CA VAL A 164 4.74 21.41 9.23
C VAL A 164 3.94 20.67 8.16
N VAL A 165 4.19 21.02 6.90
CA VAL A 165 3.47 20.47 5.77
C VAL A 165 3.98 19.08 5.41
N ASP A 166 5.30 18.96 5.42
CA ASP A 166 5.94 17.69 5.11
C ASP A 166 7.29 17.61 5.79
N PHE A 167 7.73 16.40 6.10
CA PHE A 167 8.99 16.22 6.78
C PHE A 167 9.45 14.78 6.57
N ARG A 168 10.51 14.61 5.79
CA ARG A 168 11.07 13.28 5.54
C ARG A 168 12.48 13.18 6.10
N MET A 169 12.70 12.20 6.97
CA MET A 169 13.98 12.11 7.66
C MET A 169 14.70 10.79 7.33
N ILE A 170 14.14 10.02 6.41
CA ILE A 170 14.72 8.73 6.03
C ILE A 170 14.90 8.64 4.51
N GLY A 171 16.13 8.36 4.09
CA GLY A 171 16.41 8.17 2.69
C GLY A 171 17.77 8.73 2.30
N ALA A 172 17.97 8.99 1.01
CA ALA A 172 19.21 9.58 0.54
C ALA A 172 19.32 11.01 1.04
N THR A 173 18.20 11.72 0.99
CA THR A 173 18.13 13.10 1.47
C THR A 173 16.88 13.31 2.31
N GLY A 174 16.95 14.25 3.23
CA GLY A 174 15.81 14.60 4.05
C GLY A 174 15.18 15.88 3.54
N ARG A 175 13.88 16.04 3.80
CA ARG A 175 13.14 17.18 3.25
C ARG A 175 12.27 17.82 4.31
N VAL A 176 12.12 19.14 4.22
CA VAL A 176 11.28 19.87 5.16
C VAL A 176 10.42 20.88 4.40
N TYR A 177 9.11 20.84 4.62
CA TYR A 177 8.18 21.81 4.04
C TYR A 177 7.44 22.52 5.16
N LEU A 178 7.55 23.85 5.22
CA LEU A 178 6.87 24.64 6.23
C LEU A 178 6.08 25.77 5.58
N SER A 179 4.88 26.04 6.08
CA SER A 179 4.08 27.11 5.51
C SER A 179 3.46 27.99 6.58
N GLY A 180 2.95 29.14 6.16
CA GLY A 180 2.34 30.10 7.06
C GLY A 180 2.55 31.51 6.54
N THR A 181 2.44 32.50 7.41
CA THR A 181 2.70 33.88 7.01
C THR A 181 4.17 34.03 6.65
N GLU A 182 4.48 35.03 5.83
CA GLU A 182 5.86 35.22 5.38
C GLU A 182 6.80 35.48 6.56
N ALA A 183 6.38 36.33 7.49
CA ALA A 183 7.19 36.62 8.67
C ALA A 183 7.54 35.36 9.42
N ASP A 184 6.53 34.55 9.71
CA ASP A 184 6.72 33.33 10.50
C ASP A 184 7.61 32.32 9.77
N VAL A 185 7.33 32.13 8.48
CA VAL A 185 8.09 31.16 7.69
C VAL A 185 9.56 31.54 7.56
N ARG A 186 9.85 32.83 7.38
CA ARG A 186 11.25 33.25 7.31
C ARG A 186 11.93 33.05 8.66
N GLN A 187 11.17 33.28 9.72
CA GLN A 187 11.67 33.06 11.06
C GLN A 187 11.97 31.58 11.31
N ALA A 188 11.06 30.70 10.86
CA ALA A 188 11.27 29.26 11.01
C ALA A 188 12.45 28.80 10.18
N ALA A 189 12.55 29.31 8.96
CA ALA A 189 13.64 28.96 8.05
C ALA A 189 15.00 29.32 8.66
N ASP A 190 15.09 30.52 9.23
CA ASP A 190 16.31 30.96 9.90
C ASP A 190 16.73 30.04 11.04
N ALA A 191 15.75 29.58 11.82
CA ALA A 191 16.04 28.69 12.94
C ALA A 191 16.44 27.29 12.46
N ALA A 192 15.82 26.83 11.39
CA ALA A 192 16.15 25.52 10.83
C ALA A 192 17.60 25.51 10.35
N ARG A 193 17.99 26.53 9.60
CA ARG A 193 19.37 26.62 9.10
C ARG A 193 20.38 26.79 10.23
N ASP A 194 20.04 27.62 11.22
CA ASP A 194 20.95 27.86 12.33
C ASP A 194 21.21 26.57 13.12
N ALA A 195 20.17 25.75 13.26
CA ALA A 195 20.30 24.48 13.95
C ALA A 195 21.30 23.57 13.23
N LEU A 196 21.25 23.59 11.91
CA LEU A 196 22.20 22.82 11.11
C LEU A 196 23.58 23.46 11.21
N ALA A 197 23.60 24.78 11.32
CA ALA A 197 24.85 25.54 11.41
C ALA A 197 25.65 25.23 12.67
N VAL A 198 24.97 25.06 13.81
CA VAL A 198 25.69 24.77 15.04
C VAL A 198 26.35 23.40 14.97
N LEU A 199 25.76 22.48 14.21
CA LEU A 199 26.36 21.16 14.02
C LEU A 199 27.53 21.24 13.05
N GLN A 200 27.34 21.97 11.96
CA GLN A 200 28.39 22.21 10.98
C GLN A 200 29.62 22.86 11.61
N GLY A 201 29.38 23.69 12.63
CA GLY A 201 30.46 24.38 13.32
C GLY A 201 30.82 23.74 14.64
N ALA A 202 30.63 22.42 14.74
CA ALA A 202 30.87 21.71 15.99
C ALA A 202 32.32 21.86 16.46
N LYS A 203 33.24 21.86 15.51
CA LYS A 203 34.67 21.88 15.82
C LYS A 203 35.20 23.28 16.12
N LEU A 204 34.35 24.29 16.00
CA LEU A 204 34.69 25.63 16.46
C LEU A 204 34.81 25.66 17.98
N ALA A 205 34.10 24.76 18.63
CA ALA A 205 34.13 24.63 20.08
C ALA A 205 35.56 24.58 20.62
N ALA A 206 36.38 23.71 20.02
CA ALA A 206 37.77 23.55 20.43
C ALA A 206 38.54 24.87 20.30
N ALA A 207 38.23 25.61 19.24
CA ALA A 207 38.89 26.88 18.99
C ALA A 207 38.54 27.94 20.03
N LEU A 208 37.34 27.84 20.59
CA LEU A 208 36.84 28.86 21.51
C LEU A 208 37.25 28.62 22.97
N GLU A 209 37.63 27.40 23.30
CA GLU A 209 37.96 27.05 24.68
C GLU A 209 39.45 26.77 24.87
N ALA B 2 25.15 -5.18 -19.01
CA ALA B 2 26.29 -4.42 -18.52
C ALA B 2 26.93 -5.04 -17.27
N GLU B 3 26.13 -5.79 -16.50
CA GLU B 3 26.63 -6.41 -15.28
C GLU B 3 25.81 -7.63 -14.86
N LEU B 4 26.48 -8.77 -14.73
CA LEU B 4 25.90 -9.95 -14.11
C LEU B 4 26.19 -9.88 -12.62
N ARG B 5 25.17 -9.57 -11.82
CA ARG B 5 25.39 -9.34 -10.40
C ARG B 5 25.31 -10.63 -9.59
N SER B 6 24.54 -11.59 -10.07
CA SER B 6 24.52 -12.91 -9.45
C SER B 6 23.96 -13.95 -10.40
N PHE B 7 24.43 -15.17 -10.22
CA PHE B 7 23.95 -16.31 -10.97
C PHE B 7 23.95 -17.48 -10.00
N ILE B 8 22.86 -17.62 -9.27
CA ILE B 8 22.83 -18.46 -8.09
C ILE B 8 21.96 -19.68 -8.26
N PHE B 9 22.56 -20.87 -8.15
CA PHE B 9 21.81 -22.11 -8.15
C PHE B 9 21.52 -22.55 -6.72
N ILE B 10 20.24 -22.68 -6.38
CA ILE B 10 19.82 -23.25 -5.11
C ILE B 10 19.46 -24.71 -5.32
N ASP B 11 20.31 -25.62 -4.85
CA ASP B 11 20.13 -27.03 -5.19
C ASP B 11 18.83 -27.60 -4.63
N ARG B 12 18.51 -27.25 -3.39
CA ARG B 12 17.28 -27.69 -2.77
C ARG B 12 16.81 -26.66 -1.75
N LEU B 13 15.62 -26.11 -1.98
CA LEU B 13 15.05 -25.08 -1.10
C LEU B 13 14.57 -25.68 0.21
N GLN B 14 14.94 -25.02 1.32
CA GLN B 14 14.56 -25.48 2.64
C GLN B 14 13.17 -24.91 3.01
N PRO B 15 12.46 -25.55 3.95
CA PRO B 15 11.07 -25.20 4.26
C PRO B 15 10.82 -23.75 4.73
N GLN B 16 11.60 -23.24 5.69
CA GLN B 16 11.36 -21.89 6.18
C GLN B 16 11.72 -20.88 5.11
N THR B 17 12.82 -21.14 4.40
CA THR B 17 13.26 -20.27 3.32
C THR B 17 12.17 -20.17 2.26
N MET B 18 11.63 -21.31 1.88
CA MET B 18 10.58 -21.37 0.87
C MET B 18 9.30 -20.70 1.37
N SER B 19 8.95 -20.98 2.63
CA SER B 19 7.76 -20.38 3.22
C SER B 19 7.88 -18.86 3.29
N TYR B 20 9.08 -18.36 3.53
CA TYR B 20 9.27 -16.91 3.56
C TYR B 20 9.10 -16.34 2.15
N LEU B 21 9.72 -16.99 1.17
CA LEU B 21 9.58 -16.55 -0.23
C LEU B 21 8.10 -16.47 -0.58
N GLY B 22 7.39 -17.53 -0.21
CA GLY B 22 5.98 -17.67 -0.55
C GLY B 22 5.12 -16.58 0.03
N THR B 23 5.65 -15.84 1.00
CA THR B 23 4.90 -14.77 1.63
C THR B 23 4.82 -13.52 0.73
N TRP B 24 5.77 -13.33 -0.16
CA TRP B 24 5.81 -12.07 -0.93
C TRP B 24 5.97 -12.19 -2.45
N ILE B 25 6.59 -13.27 -2.94
CA ILE B 25 6.86 -13.38 -4.37
C ILE B 25 5.56 -13.34 -5.18
N LYS B 26 5.60 -12.73 -6.35
CA LYS B 26 4.38 -12.55 -7.12
C LYS B 26 4.14 -13.67 -8.11
N GLY B 27 5.17 -14.49 -8.35
CA GLY B 27 5.08 -15.53 -9.36
C GLY B 27 4.59 -16.86 -8.85
N ALA B 28 5.08 -17.93 -9.46
CA ALA B 28 4.65 -19.27 -9.10
C ALA B 28 5.21 -19.66 -7.75
N LEU B 29 4.39 -20.31 -6.94
CA LEU B 29 4.80 -20.75 -5.62
C LEU B 29 5.42 -22.14 -5.71
N PRO B 30 6.66 -22.29 -5.21
CA PRO B 30 7.44 -23.53 -5.32
C PRO B 30 6.83 -24.72 -4.54
N ARG B 31 6.95 -25.92 -5.09
CA ARG B 31 6.65 -27.13 -4.32
C ARG B 31 7.83 -27.44 -3.41
N ALA B 32 7.61 -28.25 -2.38
CA ALA B 32 8.65 -28.56 -1.42
C ALA B 32 9.89 -29.19 -2.07
N ASN B 33 11.07 -28.83 -1.56
CA ASN B 33 12.34 -29.45 -1.93
C ASN B 33 12.82 -29.15 -3.34
N MET B 34 12.20 -28.19 -4.02
CA MET B 34 12.56 -27.89 -5.40
C MET B 34 13.90 -27.18 -5.51
N ALA B 35 14.57 -27.37 -6.65
CA ALA B 35 15.75 -26.58 -6.97
C ALA B 35 15.30 -25.24 -7.55
N ALA B 36 16.18 -24.24 -7.47
CA ALA B 36 15.83 -22.92 -8.00
C ALA B 36 17.07 -22.20 -8.53
N GLN B 37 16.86 -21.27 -9.44
CA GLN B 37 17.94 -20.44 -9.96
C GLN B 37 17.58 -18.98 -9.76
N ILE B 38 18.55 -18.19 -9.32
CA ILE B 38 18.30 -16.76 -9.13
C ILE B 38 19.33 -16.00 -9.95
N ILE B 39 18.86 -14.99 -10.68
CA ILE B 39 19.73 -14.17 -11.52
C ILE B 39 19.46 -12.70 -11.25
N GLU B 40 20.52 -11.94 -11.01
CA GLU B 40 20.39 -10.50 -10.81
C GLU B 40 21.28 -9.80 -11.83
N VAL B 41 20.74 -8.77 -12.50
CA VAL B 41 21.53 -8.07 -13.50
C VAL B 41 21.40 -6.57 -13.39
N ALA B 42 22.34 -5.87 -14.02
CA ALA B 42 22.22 -4.44 -14.32
C ALA B 42 22.56 -4.25 -15.80
N PRO B 43 21.82 -3.37 -16.49
CA PRO B 43 20.67 -2.60 -16.00
C PRO B 43 19.48 -3.52 -15.77
N GLY B 44 18.56 -3.10 -14.91
CA GLY B 44 17.46 -3.93 -14.49
C GLY B 44 16.64 -4.55 -15.62
N LEU B 45 16.34 -3.75 -16.65
CA LEU B 45 15.42 -4.20 -17.69
C LEU B 45 15.97 -5.30 -18.58
N ASP B 46 17.27 -5.57 -18.48
CA ASP B 46 17.88 -6.70 -19.18
C ASP B 46 17.29 -8.02 -18.71
N ILE B 47 16.74 -8.03 -17.51
CA ILE B 47 16.19 -9.27 -16.95
C ILE B 47 14.96 -9.74 -17.73
N GLU B 48 14.33 -8.85 -18.48
CA GLU B 48 13.17 -9.24 -19.27
C GLU B 48 13.59 -10.20 -20.38
N GLY B 49 14.70 -9.90 -21.02
CA GLY B 49 15.22 -10.78 -22.05
C GLY B 49 15.72 -12.10 -21.48
N VAL B 50 16.32 -12.06 -20.30
CA VAL B 50 16.75 -13.27 -19.62
C VAL B 50 15.57 -14.19 -19.31
N THR B 51 14.48 -13.58 -18.87
CA THR B 51 13.27 -14.31 -18.47
C THR B 51 12.64 -14.98 -19.68
N ASP B 52 12.64 -14.27 -20.79
CA ASP B 52 12.11 -14.78 -22.04
C ASP B 52 12.88 -16.04 -22.45
N VAL B 53 14.20 -15.95 -22.46
CA VAL B 53 15.06 -17.08 -22.82
C VAL B 53 14.89 -18.26 -21.86
N ALA B 54 14.84 -17.97 -20.56
CA ALA B 54 14.77 -19.04 -19.57
C ALA B 54 13.45 -19.81 -19.65
N LEU B 55 12.35 -19.07 -19.61
CA LEU B 55 11.02 -19.69 -19.65
C LEU B 55 10.81 -20.53 -20.90
N LYS B 56 11.43 -20.13 -22.00
CA LYS B 56 11.21 -20.82 -23.27
C LYS B 56 12.21 -21.93 -23.54
N HIS B 57 13.08 -22.22 -22.58
CA HIS B 57 14.06 -23.29 -22.77
C HIS B 57 13.81 -24.52 -21.91
N ALA B 58 12.99 -24.38 -20.87
CA ALA B 58 12.65 -25.51 -20.03
C ALA B 58 11.36 -25.26 -19.25
N GLU B 59 10.88 -26.30 -18.58
CA GLU B 59 9.65 -26.25 -17.82
C GLU B 59 9.97 -25.81 -16.42
N VAL B 60 10.23 -24.53 -16.25
CA VAL B 60 10.51 -23.96 -14.95
C VAL B 60 9.35 -23.07 -14.56
N LYS B 61 9.16 -22.87 -13.27
CA LYS B 61 8.13 -21.98 -12.76
C LYS B 61 8.80 -20.75 -12.19
N ALA B 62 8.51 -19.60 -12.78
CA ALA B 62 9.11 -18.33 -12.35
C ALA B 62 8.36 -17.73 -11.16
N GLY B 63 9.05 -17.60 -10.04
CA GLY B 63 8.45 -17.00 -8.85
C GLY B 63 8.73 -15.52 -8.72
N ILE B 64 9.87 -15.08 -9.25
CA ILE B 64 10.23 -13.67 -9.17
C ILE B 64 10.61 -13.08 -10.52
N LEU B 65 9.96 -11.98 -10.86
CA LEU B 65 10.41 -11.10 -11.93
C LEU B 65 10.27 -9.68 -11.40
N VAL B 66 11.40 -9.05 -11.08
CA VAL B 66 11.38 -7.72 -10.49
C VAL B 66 12.41 -6.80 -11.13
N VAL B 67 11.95 -5.63 -11.57
CA VAL B 67 12.84 -4.55 -11.94
C VAL B 67 12.68 -3.43 -10.91
N GLU B 68 13.61 -3.36 -9.96
CA GLU B 68 13.57 -2.34 -8.91
C GLU B 68 14.31 -1.09 -9.36
N ARG B 69 14.80 -0.30 -8.42
CA ARG B 69 15.36 1.00 -8.77
C ARG B 69 16.53 0.90 -9.75
N GLN B 70 17.44 -0.03 -9.50
CA GLN B 70 18.63 -0.17 -10.32
C GLN B 70 18.70 -1.53 -11.01
N PHE B 71 18.30 -2.58 -10.29
CA PHE B 71 18.62 -3.94 -10.72
C PHE B 71 17.39 -4.75 -11.08
N GLY B 72 17.62 -5.84 -11.83
CA GLY B 72 16.56 -6.73 -12.25
C GLY B 72 16.80 -8.13 -11.72
N TYR B 73 15.71 -8.81 -11.35
CA TYR B 73 15.80 -10.10 -10.68
C TYR B 73 14.92 -11.13 -11.36
N LEU B 74 15.44 -12.33 -11.52
CA LEU B 74 14.64 -13.45 -11.97
C LEU B 74 14.89 -14.65 -11.06
N GLU B 75 13.81 -15.27 -10.61
CA GLU B 75 13.91 -16.55 -9.94
C GLU B 75 13.00 -17.53 -10.65
N PHE B 76 13.47 -18.75 -10.85
CA PHE B 76 12.60 -19.81 -11.31
C PHE B 76 12.99 -21.14 -10.69
N HIS B 77 12.04 -22.05 -10.61
CA HIS B 77 12.22 -23.31 -9.89
C HIS B 77 11.48 -24.43 -10.61
N GLY B 78 11.64 -25.65 -10.11
CA GLY B 78 11.02 -26.82 -10.71
C GLY B 78 11.91 -28.04 -10.57
N GLU B 79 11.70 -29.03 -11.43
CA GLU B 79 12.54 -30.22 -11.44
C GLU B 79 13.98 -29.80 -11.70
N THR B 80 14.92 -30.47 -11.05
CA THR B 80 16.32 -30.07 -11.10
C THR B 80 16.86 -29.99 -12.52
N GLY B 81 16.54 -30.99 -13.34
CA GLY B 81 16.95 -31.02 -14.72
C GLY B 81 16.51 -29.79 -15.49
N ALA B 82 15.25 -29.39 -15.30
CA ALA B 82 14.70 -28.24 -16.02
C ALA B 82 15.35 -26.94 -15.57
N VAL B 83 15.54 -26.79 -14.27
CA VAL B 83 16.13 -25.56 -13.72
C VAL B 83 17.54 -25.36 -14.27
N LYS B 84 18.33 -26.43 -14.32
CA LYS B 84 19.69 -26.36 -14.84
C LYS B 84 19.71 -26.01 -16.33
N ALA B 85 18.81 -26.61 -17.09
CA ALA B 85 18.71 -26.34 -18.53
C ALA B 85 18.36 -24.88 -18.79
N ALA B 86 17.35 -24.36 -18.09
CA ALA B 86 16.93 -22.97 -18.27
C ALA B 86 18.02 -22.01 -17.83
N ALA B 87 18.68 -22.35 -16.72
CA ALA B 87 19.79 -21.55 -16.20
C ALA B 87 20.92 -21.49 -17.22
N ASP B 88 21.25 -22.64 -17.81
CA ASP B 88 22.35 -22.70 -18.76
C ASP B 88 22.02 -21.87 -20.01
N ALA B 89 20.76 -21.88 -20.41
CA ALA B 89 20.32 -21.05 -21.54
C ALA B 89 20.42 -19.57 -21.18
N ALA B 90 19.99 -19.24 -19.97
CA ALA B 90 20.09 -17.87 -19.49
C ALA B 90 21.55 -17.44 -19.46
N LEU B 91 22.41 -18.34 -18.97
CA LEU B 91 23.84 -18.05 -18.84
C LEU B 91 24.48 -17.75 -20.19
N ASP B 92 24.21 -18.61 -21.17
CA ASP B 92 24.73 -18.41 -22.52
C ASP B 92 24.28 -17.06 -23.10
N TYR B 93 23.06 -16.67 -22.74
CA TYR B 93 22.52 -15.37 -23.14
C TYR B 93 23.27 -14.23 -22.43
N LEU B 94 23.82 -14.53 -21.25
CA LEU B 94 24.51 -13.52 -20.45
C LEU B 94 26.04 -13.61 -20.51
N GLY B 95 26.58 -14.19 -21.58
CA GLY B 95 28.02 -14.22 -21.75
C GLY B 95 28.65 -15.60 -21.62
N GLY B 96 27.96 -16.51 -20.92
CA GLY B 96 28.40 -17.89 -20.84
C GLY B 96 29.37 -18.22 -19.72
N ASP B 97 29.73 -17.23 -18.92
CA ASP B 97 30.69 -17.42 -17.84
C ASP B 97 30.11 -17.08 -16.47
N PRO B 98 29.86 -18.11 -15.64
CA PRO B 98 29.28 -17.91 -14.32
C PRO B 98 30.21 -17.15 -13.37
N ASP B 99 31.51 -17.21 -13.62
CA ASP B 99 32.47 -16.52 -12.77
C ASP B 99 32.57 -15.03 -13.11
N ALA B 100 31.79 -14.60 -14.09
CA ALA B 100 31.71 -13.17 -14.41
C ALA B 100 30.80 -12.44 -13.43
N ALA B 101 30.05 -13.21 -12.65
CA ALA B 101 29.11 -12.63 -11.68
C ALA B 101 29.86 -11.91 -10.57
N VAL B 102 29.31 -10.78 -10.14
CA VAL B 102 29.89 -10.02 -9.04
C VAL B 102 29.96 -10.88 -7.80
N ARG B 103 31.14 -10.93 -7.19
CA ARG B 103 31.32 -11.70 -5.96
C ARG B 103 30.51 -11.09 -4.82
N PRO B 104 29.93 -11.95 -3.97
CA PRO B 104 29.22 -11.38 -2.81
C PRO B 104 30.18 -10.70 -1.85
N GLU B 105 29.74 -9.60 -1.25
CA GLU B 105 30.46 -8.94 -0.18
C GLU B 105 29.59 -8.87 1.06
N ILE B 106 30.14 -9.29 2.20
CA ILE B 106 29.46 -9.09 3.46
C ILE B 106 29.72 -7.68 3.94
N LEU B 107 28.68 -6.87 4.05
CA LEU B 107 28.83 -5.49 4.51
C LEU B 107 28.71 -5.39 6.02
N ALA B 108 27.94 -6.31 6.59
CA ALA B 108 27.72 -6.35 8.03
C ALA B 108 27.27 -7.73 8.43
N SER B 109 27.74 -8.19 9.58
CA SER B 109 27.24 -9.42 10.16
C SER B 109 27.43 -9.37 11.66
N ARG B 110 26.36 -9.67 12.40
CA ARG B 110 26.42 -9.65 13.85
C ARG B 110 25.49 -10.68 14.45
N ILE B 111 25.93 -11.27 15.55
CA ILE B 111 25.05 -12.07 16.36
C ILE B 111 24.72 -11.26 17.61
N ILE B 112 23.44 -10.98 17.80
CA ILE B 112 22.99 -10.32 19.02
C ILE B 112 22.48 -11.37 20.00
N SER B 113 23.22 -11.55 21.10
CA SER B 113 22.85 -12.52 22.12
C SER B 113 21.76 -11.93 23.01
N SER B 114 20.80 -12.77 23.39
CA SER B 114 19.71 -12.39 24.27
C SER B 114 19.07 -11.07 23.87
N ILE B 115 18.23 -11.12 22.85
CA ILE B 115 17.59 -9.92 22.35
C ILE B 115 16.63 -9.37 23.40
N ASP B 116 16.68 -8.07 23.58
CA ASP B 116 15.85 -7.35 24.54
C ASP B 116 14.36 -7.41 24.16
N HIS B 117 13.48 -7.34 25.15
CA HIS B 117 12.04 -7.42 24.93
C HIS B 117 11.51 -6.38 23.95
N GLN B 118 11.90 -5.12 24.13
CA GLN B 118 11.46 -4.07 23.23
C GLN B 118 12.05 -4.30 21.85
N HIS B 119 13.31 -4.73 21.82
CA HIS B 119 13.99 -4.90 20.54
C HIS B 119 13.29 -5.99 19.73
N ALA B 120 12.88 -7.07 20.38
CA ALA B 120 12.16 -8.14 19.68
C ALA B 120 10.81 -7.64 19.16
N PHE B 121 10.13 -6.82 19.96
CA PHE B 121 8.86 -6.22 19.55
C PHE B 121 9.00 -5.39 18.29
N LEU B 122 10.09 -4.63 18.20
CA LEU B 122 10.33 -3.77 17.04
C LEU B 122 10.61 -4.60 15.81
N ILE B 123 11.42 -5.64 15.99
CA ILE B 123 11.79 -6.50 14.88
C ILE B 123 10.58 -7.25 14.36
N ASN B 124 9.73 -7.72 15.26
CA ASN B 124 8.55 -8.49 14.87
C ASN B 124 7.51 -7.63 14.16
N ARG B 125 7.53 -6.33 14.43
CA ARG B 125 6.64 -5.40 13.74
C ARG B 125 7.11 -5.15 12.31
N ASN B 126 8.43 -5.19 12.10
CA ASN B 126 9.03 -4.99 10.79
C ASN B 126 9.01 -6.24 9.91
N LYS B 127 9.25 -7.40 10.53
CA LYS B 127 9.44 -8.65 9.77
C LYS B 127 8.15 -9.31 9.33
N ILE B 128 8.21 -10.11 8.26
CA ILE B 128 7.02 -10.81 7.80
C ILE B 128 7.17 -12.33 7.86
N GLY B 129 8.29 -12.80 8.39
CA GLY B 129 8.52 -14.23 8.56
C GLY B 129 8.20 -14.74 9.95
N SER B 130 9.12 -15.50 10.51
CA SER B 130 8.89 -16.12 11.81
C SER B 130 9.20 -15.15 12.93
N MET B 131 8.56 -15.38 14.06
CA MET B 131 8.67 -14.49 15.22
C MET B 131 9.98 -14.63 15.97
N VAL B 132 10.58 -13.51 16.36
CA VAL B 132 11.72 -13.60 17.28
C VAL B 132 11.19 -13.48 18.72
N LEU B 133 11.78 -14.23 19.63
CA LEU B 133 11.38 -14.20 21.03
C LEU B 133 12.42 -13.50 21.91
N PRO B 134 11.98 -12.81 22.96
CA PRO B 134 12.92 -12.21 23.91
C PRO B 134 13.83 -13.28 24.50
N GLY B 135 15.13 -13.02 24.59
CA GLY B 135 16.05 -13.99 25.13
C GLY B 135 16.76 -14.79 24.05
N GLU B 136 16.14 -14.92 22.88
CA GLU B 136 16.75 -15.62 21.75
C GLU B 136 17.97 -14.87 21.24
N SER B 137 18.81 -15.56 20.48
CA SER B 137 19.89 -14.91 19.75
C SER B 137 19.40 -14.54 18.37
N LEU B 138 19.96 -13.48 17.82
CA LEU B 138 19.58 -13.03 16.49
C LEU B 138 20.84 -12.83 15.66
N PHE B 139 20.83 -13.41 14.46
CA PHE B 139 21.91 -13.22 13.50
C PHE B 139 21.45 -12.26 12.43
N VAL B 140 22.24 -11.21 12.18
CA VAL B 140 21.90 -10.28 11.10
C VAL B 140 23.07 -10.18 10.14
N LEU B 141 22.75 -10.22 8.85
CA LEU B 141 23.77 -10.24 7.82
C LEU B 141 23.34 -9.34 6.68
N GLU B 142 24.25 -8.48 6.24
CA GLU B 142 23.98 -7.63 5.08
C GLU B 142 24.97 -7.99 3.99
N VAL B 143 24.46 -8.19 2.78
CA VAL B 143 25.30 -8.64 1.67
C VAL B 143 24.98 -7.84 0.41
N ALA B 144 26.00 -7.60 -0.42
CA ALA B 144 25.78 -7.02 -1.75
C ALA B 144 26.62 -7.77 -2.77
N PRO B 145 26.07 -8.07 -3.97
CA PRO B 145 24.68 -7.87 -4.44
C PRO B 145 23.63 -8.52 -3.54
N ALA B 146 22.43 -7.94 -3.55
CA ALA B 146 21.40 -8.29 -2.58
C ALA B 146 20.86 -9.72 -2.75
N SER B 147 20.81 -10.19 -4.00
CA SER B 147 20.20 -11.50 -4.28
C SER B 147 20.89 -12.64 -3.54
N TYR B 148 22.15 -12.47 -3.17
CA TYR B 148 22.89 -13.50 -2.45
C TYR B 148 22.31 -13.81 -1.07
N ALA B 149 21.39 -12.97 -0.60
CA ALA B 149 20.74 -13.19 0.67
C ALA B 149 19.96 -14.51 0.68
N ILE B 150 19.47 -14.93 -0.47
CA ILE B 150 18.72 -16.19 -0.52
C ILE B 150 19.65 -17.40 -0.35
N LEU B 151 20.87 -17.28 -0.86
CA LEU B 151 21.84 -18.37 -0.72
C LEU B 151 22.27 -18.47 0.73
N ALA B 152 22.57 -17.32 1.33
CA ALA B 152 22.97 -17.27 2.73
C ALA B 152 21.90 -17.87 3.63
N THR B 153 20.65 -17.49 3.37
CA THR B 153 19.52 -17.95 4.18
C THR B 153 19.26 -19.45 4.04
N ASN B 154 19.19 -19.92 2.79
CA ASN B 154 18.93 -21.34 2.55
C ASN B 154 20.02 -22.25 3.12
N GLU B 155 21.26 -21.80 3.02
CA GLU B 155 22.39 -22.57 3.55
C GLU B 155 22.41 -22.52 5.08
N ALA B 156 22.02 -21.38 5.65
CA ALA B 156 21.90 -21.29 7.11
C ALA B 156 20.87 -22.31 7.61
N GLU B 157 19.73 -22.39 6.93
CA GLU B 157 18.66 -23.29 7.33
C GLU B 157 19.05 -24.76 7.19
N LYS B 158 19.84 -25.08 6.16
CA LYS B 158 20.36 -26.42 5.97
C LYS B 158 21.13 -26.90 7.19
N ALA B 159 21.81 -25.98 7.85
CA ALA B 159 22.82 -26.33 8.85
C ALA B 159 22.33 -26.23 10.30
N ALA B 160 21.19 -25.58 10.50
CA ALA B 160 20.71 -25.34 11.86
C ALA B 160 19.20 -25.17 11.93
N ASP B 161 18.62 -25.57 13.04
CA ASP B 161 17.20 -25.33 13.28
C ASP B 161 17.03 -23.91 13.82
N VAL B 162 17.01 -22.95 12.90
CA VAL B 162 16.78 -21.56 13.24
C VAL B 162 15.53 -21.06 12.53
N LYS B 163 14.98 -19.95 13.02
CA LYS B 163 13.81 -19.37 12.38
C LYS B 163 14.24 -18.29 11.39
N VAL B 164 13.63 -18.31 10.21
CA VAL B 164 13.83 -17.22 9.24
C VAL B 164 12.89 -16.08 9.62
N VAL B 165 13.43 -15.11 10.32
CA VAL B 165 12.66 -13.95 10.76
C VAL B 165 12.35 -13.06 9.56
N ASP B 166 13.39 -12.78 8.78
CA ASP B 166 13.25 -11.97 7.57
C ASP B 166 14.47 -12.14 6.68
N PHE B 167 14.26 -12.14 5.37
CA PHE B 167 15.37 -11.88 4.47
C PHE B 167 14.89 -11.12 3.24
N ARG B 168 15.72 -10.18 2.82
CA ARG B 168 15.44 -9.35 1.66
C ARG B 168 16.52 -9.58 0.63
N MET B 169 16.13 -9.90 -0.59
CA MET B 169 17.08 -10.30 -1.60
C MET B 169 17.03 -9.38 -2.80
N ILE B 170 16.30 -8.28 -2.65
CA ILE B 170 16.14 -7.30 -3.73
C ILE B 170 16.48 -5.91 -3.21
N GLY B 171 17.38 -5.23 -3.91
CA GLY B 171 17.74 -3.87 -3.55
C GLY B 171 19.21 -3.59 -3.76
N ALA B 172 19.71 -2.55 -3.12
CA ALA B 172 21.14 -2.27 -3.15
C ALA B 172 21.90 -3.30 -2.32
N THR B 173 21.29 -3.73 -1.21
CA THR B 173 21.93 -4.72 -0.33
C THR B 173 20.88 -5.72 0.14
N GLY B 174 21.30 -6.95 0.39
CA GLY B 174 20.42 -7.99 0.89
C GLY B 174 20.56 -8.10 2.39
N ARG B 175 19.51 -8.56 3.07
CA ARG B 175 19.56 -8.67 4.53
C ARG B 175 19.04 -10.01 4.98
N VAL B 176 19.64 -10.54 6.04
CA VAL B 176 19.24 -11.82 6.60
C VAL B 176 19.04 -11.67 8.10
N TYR B 177 17.88 -12.11 8.58
CA TYR B 177 17.55 -12.09 10.00
C TYR B 177 17.16 -13.48 10.44
N LEU B 178 17.96 -14.08 11.30
CA LEU B 178 17.69 -15.43 11.81
C LEU B 178 17.67 -15.44 13.32
N SER B 179 16.77 -16.22 13.92
CA SER B 179 16.74 -16.30 15.38
C SER B 179 16.65 -17.74 15.90
N GLY B 180 17.02 -17.92 17.16
CA GLY B 180 16.99 -19.21 17.82
C GLY B 180 17.92 -19.19 19.02
N THR B 181 18.24 -20.37 19.54
CA THR B 181 19.21 -20.47 20.63
C THR B 181 20.56 -20.02 20.11
N GLU B 182 21.46 -19.68 21.03
CA GLU B 182 22.74 -19.11 20.64
C GLU B 182 23.56 -20.08 19.78
N ALA B 183 23.64 -21.34 20.21
CA ALA B 183 24.42 -22.33 19.50
C ALA B 183 23.90 -22.54 18.08
N ASP B 184 22.57 -22.61 17.94
CA ASP B 184 21.95 -22.79 16.64
C ASP B 184 22.19 -21.60 15.72
N VAL B 185 22.15 -20.41 16.32
CA VAL B 185 22.31 -19.19 15.57
C VAL B 185 23.76 -19.03 15.12
N ARG B 186 24.71 -19.38 15.98
CA ARG B 186 26.11 -19.29 15.58
C ARG B 186 26.41 -20.31 14.49
N GLN B 187 25.82 -21.49 14.61
CA GLN B 187 25.96 -22.53 13.60
C GLN B 187 25.38 -22.07 12.25
N ALA B 188 24.21 -21.45 12.30
CA ALA B 188 23.55 -20.96 11.10
C ALA B 188 24.34 -19.81 10.46
N ALA B 189 24.92 -18.95 11.29
CA ALA B 189 25.74 -17.85 10.82
C ALA B 189 26.99 -18.36 10.12
N ASP B 190 27.63 -19.36 10.73
CA ASP B 190 28.81 -19.99 10.13
C ASP B 190 28.50 -20.52 8.74
N ALA B 191 27.34 -21.14 8.58
CA ALA B 191 27.00 -21.79 7.32
C ALA B 191 26.68 -20.74 6.26
N ALA B 192 26.07 -19.64 6.68
CA ALA B 192 25.74 -18.56 5.74
C ALA B 192 27.03 -17.93 5.24
N ARG B 193 27.97 -17.66 6.14
CA ARG B 193 29.25 -17.08 5.76
C ARG B 193 30.06 -18.04 4.90
N ASP B 194 30.03 -19.32 5.24
CA ASP B 194 30.73 -20.33 4.45
C ASP B 194 30.19 -20.41 3.02
N ALA B 195 28.87 -20.26 2.87
CA ALA B 195 28.25 -20.33 1.55
C ALA B 195 28.73 -19.21 0.64
N LEU B 196 28.84 -18.02 1.21
CA LEU B 196 29.33 -16.87 0.45
C LEU B 196 30.82 -17.03 0.13
N ALA B 197 31.55 -17.65 1.06
CA ALA B 197 32.98 -17.89 0.89
C ALA B 197 33.29 -18.85 -0.25
N VAL B 198 32.42 -19.83 -0.46
CA VAL B 198 32.58 -20.76 -1.59
C VAL B 198 32.55 -19.98 -2.90
N LEU B 199 31.64 -19.02 -3.01
CA LEU B 199 31.56 -18.17 -4.18
C LEU B 199 32.75 -17.23 -4.30
N GLN B 200 33.11 -16.61 -3.17
CA GLN B 200 34.24 -15.68 -3.13
C GLN B 200 35.54 -16.35 -3.56
N GLY B 201 35.67 -17.65 -3.24
CA GLY B 201 36.87 -18.39 -3.58
C GLY B 201 36.68 -19.38 -4.71
N ALA B 202 35.78 -19.06 -5.64
CA ALA B 202 35.49 -19.93 -6.77
C ALA B 202 36.74 -20.23 -7.60
N LYS B 203 37.56 -19.21 -7.82
CA LYS B 203 38.73 -19.36 -8.69
C LYS B 203 39.83 -20.21 -8.07
N LEU B 204 39.62 -20.62 -6.81
CA LEU B 204 40.55 -21.54 -6.15
C LEU B 204 40.48 -22.93 -6.82
N ALA B 205 39.34 -23.21 -7.46
CA ALA B 205 39.12 -24.47 -8.16
C ALA B 205 40.22 -24.76 -9.18
N ALA B 206 40.62 -23.73 -9.91
CA ALA B 206 41.66 -23.89 -10.93
C ALA B 206 43.02 -24.20 -10.29
N ALA B 207 43.26 -23.63 -9.11
CA ALA B 207 44.51 -23.87 -8.40
C ALA B 207 44.63 -25.32 -7.98
N LEU B 208 43.49 -25.91 -7.63
CA LEU B 208 43.45 -27.29 -7.13
C LEU B 208 43.45 -28.33 -8.26
N GLU B 209 43.07 -27.89 -9.47
CA GLU B 209 42.99 -28.79 -10.62
C GLU B 209 44.33 -28.96 -11.33
N HIS B 210 45.37 -28.31 -10.83
CA HIS B 210 46.70 -28.47 -11.39
C HIS B 210 47.76 -28.56 -10.28
N ALA C 2 24.13 20.63 -8.39
CA ALA C 2 22.86 20.87 -9.07
C ALA C 2 22.96 20.53 -10.55
N GLU C 3 21.93 19.90 -11.09
CA GLU C 3 21.93 19.56 -12.50
C GLU C 3 20.53 19.52 -13.11
N LEU C 4 20.46 19.89 -14.38
CA LEU C 4 19.24 19.77 -15.16
C LEU C 4 19.25 18.41 -15.84
N ARG C 5 18.33 17.53 -15.45
CA ARG C 5 18.38 16.16 -15.96
C ARG C 5 17.52 15.98 -17.20
N SER C 6 16.48 16.80 -17.33
CA SER C 6 15.68 16.79 -18.54
C SER C 6 14.89 18.08 -18.71
N PHE C 7 14.79 18.53 -19.95
CA PHE C 7 13.93 19.66 -20.32
C PHE C 7 13.22 19.27 -21.60
N ILE C 8 12.11 18.56 -21.45
CA ILE C 8 11.45 17.90 -22.58
C ILE C 8 10.17 18.61 -22.99
N PHE C 9 10.11 18.97 -24.27
CA PHE C 9 8.87 19.51 -24.82
C PHE C 9 8.19 18.48 -25.72
N ILE C 10 6.91 18.23 -25.44
CA ILE C 10 6.11 17.33 -26.26
C ILE C 10 5.06 18.12 -27.03
N ASP C 11 5.11 18.09 -28.36
CA ASP C 11 4.20 18.90 -29.16
C ASP C 11 2.76 18.41 -29.12
N ARG C 12 2.59 17.09 -29.19
CA ARG C 12 1.27 16.48 -29.32
C ARG C 12 1.15 15.25 -28.44
N LEU C 13 0.58 15.41 -27.26
CA LEU C 13 0.34 14.29 -26.35
C LEU C 13 -0.58 13.25 -26.97
N GLN C 14 -0.22 11.99 -26.81
CA GLN C 14 -1.05 10.89 -27.29
C GLN C 14 -1.90 10.36 -26.13
N PRO C 15 -3.02 9.68 -26.44
CA PRO C 15 -4.01 9.27 -25.42
C PRO C 15 -3.45 8.45 -24.26
N GLN C 16 -2.77 7.34 -24.56
CA GLN C 16 -2.29 6.47 -23.50
C GLN C 16 -1.21 7.15 -22.66
N THR C 17 -0.36 7.91 -23.33
CA THR C 17 0.73 8.61 -22.66
C THR C 17 0.17 9.69 -21.73
N MET C 18 -0.77 10.47 -22.24
CA MET C 18 -1.33 11.56 -21.46
C MET C 18 -2.22 11.05 -20.34
N SER C 19 -2.65 9.80 -20.45
CA SER C 19 -3.49 9.18 -19.42
C SER C 19 -2.73 9.11 -18.09
N TYR C 20 -1.42 8.91 -18.17
CA TYR C 20 -0.58 8.86 -16.98
C TYR C 20 -0.40 10.25 -16.37
N LEU C 21 -0.69 11.27 -17.17
CA LEU C 21 -0.58 12.66 -16.74
C LEU C 21 -1.91 13.17 -16.22
N GLY C 22 -2.92 12.30 -16.22
CA GLY C 22 -4.23 12.63 -15.69
C GLY C 22 -5.10 13.46 -16.62
N THR C 23 -4.84 13.34 -17.92
CA THR C 23 -5.64 14.07 -18.89
C THR C 23 -6.02 13.20 -20.09
N TRP C 24 -6.82 13.78 -20.98
CA TRP C 24 -7.33 13.09 -22.16
C TRP C 24 -7.66 14.13 -23.22
N ILE C 25 -7.71 13.72 -24.47
CA ILE C 25 -8.05 14.66 -25.54
C ILE C 25 -9.56 14.73 -25.75
N LYS C 26 -10.07 15.96 -25.88
CA LYS C 26 -11.51 16.22 -25.92
C LYS C 26 -12.12 15.92 -27.29
N GLY C 27 -12.25 16.96 -28.11
CA GLY C 27 -12.80 16.84 -29.44
C GLY C 27 -12.29 17.95 -30.33
N ALA C 28 -13.21 18.75 -30.87
CA ALA C 28 -12.87 19.91 -31.67
C ALA C 28 -11.93 19.58 -32.84
N ASN C 33 -4.89 19.87 -29.92
CA ASN C 33 -3.45 19.80 -29.77
C ASN C 33 -3.01 20.19 -28.37
N MET C 34 -2.58 19.20 -27.59
CA MET C 34 -2.16 19.47 -26.22
C MET C 34 -0.66 19.24 -26.06
N ALA C 35 0.08 20.31 -25.83
CA ALA C 35 1.51 20.23 -25.63
C ALA C 35 1.83 19.96 -24.16
N ALA C 36 3.04 19.49 -23.89
CA ALA C 36 3.45 19.26 -22.51
C ALA C 36 4.94 19.55 -22.34
N GLN C 37 5.31 19.91 -21.12
CA GLN C 37 6.70 20.16 -20.79
C GLN C 37 7.06 19.35 -19.55
N ILE C 38 8.15 18.60 -19.64
CA ILE C 38 8.60 17.78 -18.53
C ILE C 38 9.99 18.24 -18.09
N ILE C 39 10.17 18.41 -16.79
CA ILE C 39 11.41 18.91 -16.25
C ILE C 39 11.86 18.03 -15.08
N GLU C 40 13.09 17.54 -15.13
CA GLU C 40 13.65 16.73 -14.06
C GLU C 40 14.94 17.37 -13.55
N VAL C 41 15.09 17.49 -12.24
CA VAL C 41 16.28 18.14 -11.69
C VAL C 41 16.89 17.41 -10.49
N ALA C 42 18.14 17.78 -10.19
CA ALA C 42 18.79 17.42 -8.95
C ALA C 42 19.45 18.69 -8.40
N PRO C 43 19.41 18.88 -7.07
CA PRO C 43 18.72 18.04 -6.08
C PRO C 43 17.22 18.17 -6.21
N GLY C 44 16.49 17.14 -5.80
CA GLY C 44 15.05 17.03 -6.07
C GLY C 44 14.19 18.21 -5.68
N LEU C 45 14.50 18.84 -4.54
CA LEU C 45 13.64 19.90 -4.01
C LEU C 45 13.72 21.19 -4.83
N ASP C 46 14.71 21.27 -5.72
CA ASP C 46 14.84 22.43 -6.59
C ASP C 46 13.66 22.54 -7.55
N ILE C 47 12.91 21.45 -7.70
CA ILE C 47 11.78 21.46 -8.62
C ILE C 47 10.66 22.35 -8.08
N GLU C 48 10.66 22.61 -6.78
CA GLU C 48 9.62 23.45 -6.19
C GLU C 48 9.76 24.90 -6.64
N GLY C 49 10.99 25.39 -6.69
CA GLY C 49 11.25 26.74 -7.19
C GLY C 49 10.93 26.83 -8.67
N VAL C 50 11.20 25.75 -9.41
CA VAL C 50 10.87 25.68 -10.83
C VAL C 50 9.37 25.77 -11.03
N THR C 51 8.63 25.01 -10.23
CA THR C 51 7.18 24.95 -10.32
C THR C 51 6.56 26.31 -10.02
N ASP C 52 7.10 26.97 -8.99
CA ASP C 52 6.64 28.29 -8.60
C ASP C 52 6.75 29.29 -9.75
N VAL C 53 7.84 29.22 -10.50
CA VAL C 53 8.06 30.13 -11.62
C VAL C 53 7.18 29.75 -12.80
N ALA C 54 7.12 28.46 -13.10
CA ALA C 54 6.38 27.99 -14.27
C ALA C 54 4.87 28.28 -14.17
N LEU C 55 4.26 27.84 -13.08
CA LEU C 55 2.81 27.90 -12.94
C LEU C 55 2.31 29.34 -12.79
N LYS C 56 3.18 30.23 -12.32
CA LYS C 56 2.82 31.63 -12.20
C LYS C 56 2.93 32.37 -13.54
N HIS C 57 3.97 32.09 -14.29
CA HIS C 57 4.25 32.88 -15.49
C HIS C 57 3.21 32.67 -16.59
N ALA C 58 2.55 31.52 -16.59
CA ALA C 58 1.54 31.21 -17.59
C ALA C 58 0.55 30.21 -17.03
N GLU C 59 -0.66 30.16 -17.60
CA GLU C 59 -1.65 29.24 -17.08
C GLU C 59 -1.59 27.89 -17.81
N VAL C 60 -1.15 26.87 -17.08
CA VAL C 60 -1.02 25.51 -17.61
C VAL C 60 -1.56 24.52 -16.58
N LYS C 61 -1.72 23.27 -16.99
CA LYS C 61 -2.22 22.23 -16.09
C LYS C 61 -1.13 21.25 -15.72
N ALA C 62 -0.75 21.21 -14.45
CA ALA C 62 0.31 20.31 -14.01
C ALA C 62 -0.21 18.92 -13.68
N GLY C 63 0.32 17.91 -14.37
CA GLY C 63 -0.07 16.54 -14.12
C GLY C 63 0.88 15.83 -13.18
N ILE C 64 2.10 16.36 -13.04
CA ILE C 64 3.09 15.75 -12.17
C ILE C 64 3.89 16.78 -11.37
N LEU C 65 3.89 16.61 -10.05
CA LEU C 65 4.85 17.28 -9.19
C LEU C 65 5.29 16.26 -8.15
N VAL C 66 6.53 15.78 -8.29
CA VAL C 66 7.02 14.70 -7.45
C VAL C 66 8.49 14.91 -7.10
N VAL C 67 8.82 14.72 -5.83
CA VAL C 67 10.22 14.61 -5.41
C VAL C 67 10.46 13.19 -4.89
N GLU C 68 11.23 12.41 -5.63
CA GLU C 68 11.48 11.03 -5.23
C GLU C 68 12.79 10.92 -4.45
N ARG C 69 13.39 9.74 -4.43
CA ARG C 69 14.57 9.50 -3.61
C ARG C 69 15.68 10.53 -3.87
N GLN C 70 15.93 10.83 -5.13
CA GLN C 70 16.99 11.77 -5.49
C GLN C 70 16.47 12.95 -6.30
N PHE C 71 15.56 12.67 -7.24
CA PHE C 71 15.25 13.64 -8.28
C PHE C 71 13.87 14.28 -8.16
N GLY C 72 13.73 15.47 -8.74
CA GLY C 72 12.49 16.20 -8.70
C GLY C 72 11.89 16.32 -10.09
N TYR C 73 10.57 16.22 -10.17
CA TYR C 73 9.89 16.15 -11.46
C TYR C 73 8.73 17.13 -11.54
N LEU C 74 8.65 17.86 -12.65
CA LEU C 74 7.49 18.68 -12.95
C LEU C 74 7.01 18.39 -14.38
N GLU C 75 5.71 18.22 -14.54
CA GLU C 75 5.11 18.14 -15.86
C GLU C 75 3.85 18.99 -15.86
N PHE C 76 3.70 19.81 -16.90
CA PHE C 76 2.45 20.53 -17.11
C PHE C 76 2.08 20.49 -18.58
N HIS C 77 0.80 20.72 -18.88
CA HIS C 77 0.31 20.65 -20.25
C HIS C 77 -0.80 21.66 -20.49
N GLY C 78 -1.11 21.86 -21.76
CA GLY C 78 -2.14 22.79 -22.17
C GLY C 78 -1.92 23.12 -23.64
N GLU C 79 -2.39 24.29 -24.05
CA GLU C 79 -2.19 24.74 -25.42
C GLU C 79 -0.74 25.15 -25.60
N THR C 80 -0.23 24.99 -26.82
CA THR C 80 1.20 25.14 -27.12
C THR C 80 1.82 26.43 -26.59
N GLY C 81 1.14 27.55 -26.82
CA GLY C 81 1.61 28.84 -26.39
C GLY C 81 1.78 28.93 -24.88
N ALA C 82 0.75 28.53 -24.14
CA ALA C 82 0.81 28.53 -22.68
C ALA C 82 1.95 27.65 -22.17
N VAL C 83 2.05 26.44 -22.69
CA VAL C 83 3.10 25.50 -22.26
C VAL C 83 4.49 26.06 -22.51
N LYS C 84 4.72 26.57 -23.72
CA LYS C 84 6.03 27.12 -24.07
C LYS C 84 6.35 28.38 -23.28
N ALA C 85 5.33 29.16 -22.93
CA ALA C 85 5.52 30.32 -22.07
C ALA C 85 6.01 29.92 -20.68
N ALA C 86 5.29 29.01 -20.04
CA ALA C 86 5.70 28.56 -18.71
C ALA C 86 7.05 27.85 -18.76
N ALA C 87 7.33 27.17 -19.86
CA ALA C 87 8.59 26.43 -20.00
C ALA C 87 9.79 27.38 -20.09
N ASP C 88 9.66 28.46 -20.86
CA ASP C 88 10.77 29.38 -21.01
C ASP C 88 11.07 30.11 -19.70
N ALA C 89 10.02 30.41 -18.93
CA ALA C 89 10.21 31.01 -17.63
C ALA C 89 10.97 30.05 -16.72
N ALA C 90 10.62 28.77 -16.79
CA ALA C 90 11.30 27.74 -16.02
C ALA C 90 12.76 27.63 -16.46
N LEU C 91 12.96 27.68 -17.78
CA LEU C 91 14.30 27.57 -18.34
C LEU C 91 15.22 28.70 -17.90
N ASP C 92 14.69 29.92 -17.87
CA ASP C 92 15.46 31.08 -17.42
C ASP C 92 15.86 30.90 -15.97
N TYR C 93 14.96 30.31 -15.19
CA TYR C 93 15.24 30.00 -13.79
C TYR C 93 16.29 28.90 -13.67
N LEU C 94 16.36 28.03 -14.67
CA LEU C 94 17.31 26.93 -14.65
C LEU C 94 18.59 27.23 -15.44
N GLY C 95 18.83 28.50 -15.73
CA GLY C 95 20.05 28.90 -16.41
C GLY C 95 19.84 29.49 -17.79
N GLY C 96 18.74 29.12 -18.44
CA GLY C 96 18.41 29.65 -19.74
C GLY C 96 18.99 28.86 -20.90
N ASP C 97 19.62 27.74 -20.63
CA ASP C 97 20.22 26.92 -21.68
C ASP C 97 19.75 25.47 -21.60
N PRO C 98 19.02 25.01 -22.63
CA PRO C 98 18.46 23.65 -22.72
C PRO C 98 19.53 22.58 -22.95
N ASP C 99 20.66 22.97 -23.52
CA ASP C 99 21.75 22.04 -23.81
C ASP C 99 22.45 21.59 -22.54
N ALA C 100 22.16 22.26 -21.43
CA ALA C 100 22.74 21.90 -20.15
C ALA C 100 22.12 20.62 -19.62
N ALA C 101 20.98 20.24 -20.19
CA ALA C 101 20.26 19.04 -19.76
C ALA C 101 21.08 17.79 -20.05
N VAL C 102 21.05 16.84 -19.11
CA VAL C 102 21.71 15.56 -19.32
C VAL C 102 21.11 14.87 -20.55
N ARG C 103 21.97 14.34 -21.41
CA ARG C 103 21.49 13.61 -22.59
C ARG C 103 20.89 12.27 -22.18
N PRO C 104 19.82 11.84 -22.86
CA PRO C 104 19.25 10.54 -22.53
C PRO C 104 20.17 9.40 -22.94
N GLU C 105 20.17 8.32 -22.17
CA GLU C 105 20.95 7.15 -22.50
C GLU C 105 20.05 5.93 -22.45
N ILE C 106 19.98 5.20 -23.56
CA ILE C 106 19.21 3.97 -23.61
C ILE C 106 20.04 2.87 -22.95
N LEU C 107 19.60 2.42 -21.78
CA LEU C 107 20.36 1.43 -21.00
C LEU C 107 20.11 0.03 -21.53
N ALA C 108 18.87 -0.22 -21.91
CA ALA C 108 18.49 -1.49 -22.51
C ALA C 108 17.25 -1.29 -23.37
N SER C 109 17.16 -2.07 -24.44
CA SER C 109 15.95 -2.07 -25.25
C SER C 109 15.89 -3.39 -25.99
N ARG C 110 14.71 -3.99 -26.03
CA ARG C 110 14.57 -5.31 -26.62
C ARG C 110 13.17 -5.56 -27.14
N ILE C 111 13.11 -6.21 -28.29
CA ILE C 111 11.88 -6.75 -28.85
C ILE C 111 11.75 -8.18 -28.39
N ILE C 112 10.66 -8.51 -27.71
CA ILE C 112 10.41 -9.88 -27.32
C ILE C 112 9.22 -10.41 -28.08
N SER C 113 9.49 -11.24 -29.08
CA SER C 113 8.45 -11.79 -29.92
C SER C 113 7.69 -12.90 -29.20
N SER C 114 6.36 -12.79 -29.20
CA SER C 114 5.47 -13.81 -28.65
C SER C 114 5.86 -14.20 -27.22
N ILE C 115 5.46 -13.40 -26.25
CA ILE C 115 5.87 -13.65 -24.87
C ILE C 115 5.15 -14.86 -24.29
N ASP C 116 5.85 -15.55 -23.39
CA ASP C 116 5.33 -16.75 -22.73
C ASP C 116 4.17 -16.38 -21.81
N HIS C 117 3.29 -17.34 -21.55
CA HIS C 117 2.15 -17.08 -20.68
C HIS C 117 2.59 -16.75 -19.25
N GLN C 118 3.68 -17.35 -18.79
CA GLN C 118 4.21 -17.01 -17.47
C GLN C 118 4.74 -15.60 -17.46
N HIS C 119 5.40 -15.24 -18.55
CA HIS C 119 6.02 -13.93 -18.67
C HIS C 119 4.93 -12.84 -18.65
N ALA C 120 3.85 -13.08 -19.37
CA ALA C 120 2.70 -12.16 -19.38
C ALA C 120 2.11 -12.01 -17.98
N PHE C 121 1.90 -13.14 -17.33
CA PHE C 121 1.43 -13.20 -15.94
C PHE C 121 2.28 -12.33 -15.01
N LEU C 122 3.60 -12.52 -15.06
CA LEU C 122 4.52 -11.75 -14.22
C LEU C 122 4.47 -10.25 -14.52
N ILE C 123 4.45 -9.90 -15.80
CA ILE C 123 4.41 -8.49 -16.18
C ILE C 123 3.11 -7.86 -15.68
N ASN C 124 2.00 -8.54 -15.88
CA ASN C 124 0.69 -8.02 -15.44
C ASN C 124 0.60 -7.76 -13.95
N ARG C 125 1.46 -8.41 -13.17
CA ARG C 125 1.46 -8.25 -11.72
C ARG C 125 2.41 -7.15 -11.25
N ASN C 126 3.14 -6.57 -12.20
CA ASN C 126 4.07 -5.47 -11.92
C ASN C 126 3.63 -4.18 -12.59
N LYS C 127 2.79 -4.31 -13.62
CA LYS C 127 2.48 -3.23 -14.54
C LYS C 127 1.62 -2.11 -13.95
N ILE C 128 1.69 -0.95 -14.59
CA ILE C 128 0.66 0.07 -14.48
C ILE C 128 0.33 0.49 -15.91
N GLY C 129 -0.75 -0.08 -16.43
CA GLY C 129 -1.13 0.12 -17.81
C GLY C 129 -2.02 -1.01 -18.26
N SER C 130 -2.04 -1.27 -19.56
CA SER C 130 -2.94 -2.26 -20.11
C SER C 130 -2.44 -3.69 -19.93
N MET C 131 -3.37 -4.58 -19.66
CA MET C 131 -3.13 -6.01 -19.52
C MET C 131 -2.45 -6.62 -20.75
N VAL C 132 -1.33 -7.31 -20.55
CA VAL C 132 -0.70 -7.98 -21.68
C VAL C 132 -1.18 -9.43 -21.75
N LEU C 133 -1.40 -9.91 -22.97
CA LEU C 133 -1.89 -11.27 -23.17
C LEU C 133 -0.76 -12.20 -23.65
N PRO C 134 -0.85 -13.49 -23.31
CA PRO C 134 0.11 -14.48 -23.81
C PRO C 134 0.16 -14.48 -25.34
N GLY C 135 1.37 -14.54 -25.90
CA GLY C 135 1.53 -14.60 -27.34
C GLY C 135 1.78 -13.24 -27.99
N GLU C 136 1.44 -12.17 -27.29
CA GLU C 136 1.67 -10.83 -27.81
C GLU C 136 3.16 -10.54 -27.93
N SER C 137 3.50 -9.65 -28.86
CA SER C 137 4.88 -9.18 -28.97
C SER C 137 5.09 -8.00 -28.02
N LEU C 138 6.30 -7.88 -27.49
CA LEU C 138 6.59 -6.88 -26.48
C LEU C 138 7.85 -6.09 -26.81
N PHE C 139 7.78 -4.78 -26.64
CA PHE C 139 8.97 -3.93 -26.68
C PHE C 139 9.23 -3.37 -25.30
N VAL C 140 10.45 -3.56 -24.81
CA VAL C 140 10.83 -3.01 -23.52
C VAL C 140 12.01 -2.07 -23.72
N LEU C 141 12.06 -1.03 -22.90
CA LEU C 141 13.05 0.02 -23.10
C LEU C 141 13.33 0.69 -21.75
N GLU C 142 14.61 0.90 -21.45
CA GLU C 142 15.00 1.54 -20.21
C GLU C 142 15.90 2.73 -20.54
N VAL C 143 15.62 3.89 -19.93
CA VAL C 143 16.34 5.12 -20.22
C VAL C 143 16.77 5.81 -18.94
N ALA C 144 17.91 6.48 -18.98
CA ALA C 144 18.29 7.42 -17.91
C ALA C 144 18.78 8.73 -18.53
N PRO C 145 18.33 9.87 -17.98
CA PRO C 145 17.34 10.08 -16.91
C PRO C 145 15.97 9.47 -17.20
N ALA C 146 15.29 9.08 -16.12
CA ALA C 146 14.01 8.38 -16.18
C ALA C 146 12.92 9.13 -16.92
N SER C 147 12.91 10.46 -16.80
CA SER C 147 11.80 11.24 -17.36
C SER C 147 11.76 11.18 -18.90
N TYR C 148 12.88 10.85 -19.52
CA TYR C 148 12.88 10.71 -20.98
C TYR C 148 11.99 9.57 -21.47
N ALA C 149 11.57 8.69 -20.55
CA ALA C 149 10.62 7.63 -20.88
C ALA C 149 9.35 8.19 -21.53
N ILE C 150 8.90 9.37 -21.10
CA ILE C 150 7.64 9.91 -21.61
C ILE C 150 7.75 10.30 -23.07
N LEU C 151 8.93 10.76 -23.47
CA LEU C 151 9.18 11.15 -24.85
C LEU C 151 9.20 9.93 -25.78
N ALA C 152 9.86 8.87 -25.31
CA ALA C 152 9.95 7.63 -26.06
C ALA C 152 8.57 6.99 -26.20
N THR C 153 7.79 7.04 -25.14
CA THR C 153 6.46 6.45 -25.14
C THR C 153 5.50 7.24 -26.03
N ASN C 154 5.58 8.56 -25.98
CA ASN C 154 4.68 9.39 -26.78
C ASN C 154 4.95 9.24 -28.27
N GLU C 155 6.23 9.20 -28.64
CA GLU C 155 6.61 9.03 -30.04
C GLU C 155 6.26 7.64 -30.54
N ALA C 156 6.46 6.64 -29.67
CA ALA C 156 6.12 5.27 -30.02
C ALA C 156 4.62 5.15 -30.26
N GLU C 157 3.83 5.78 -29.39
CA GLU C 157 2.38 5.77 -29.53
C GLU C 157 1.91 6.47 -30.82
N LYS C 158 2.62 7.53 -31.21
CA LYS C 158 2.33 8.19 -32.49
C LYS C 158 2.44 7.25 -33.66
N ALA C 159 3.48 6.41 -33.64
CA ALA C 159 3.92 5.70 -34.83
C ALA C 159 3.25 4.35 -35.03
N ALA C 160 2.65 3.81 -33.98
CA ALA C 160 2.05 2.49 -34.10
C ALA C 160 0.90 2.27 -33.14
N ASP C 161 0.04 1.31 -33.49
CA ASP C 161 -1.07 0.91 -32.64
C ASP C 161 -0.59 -0.12 -31.63
N VAL C 162 0.09 0.36 -30.61
CA VAL C 162 0.55 -0.51 -29.54
C VAL C 162 -0.18 -0.10 -28.26
N LYS C 163 -0.24 -0.99 -27.28
CA LYS C 163 -0.78 -0.58 -26.01
C LYS C 163 0.34 -0.43 -25.00
N VAL C 164 0.22 0.61 -24.18
CA VAL C 164 1.16 0.86 -23.13
C VAL C 164 0.86 -0.10 -21.98
N VAL C 165 1.70 -1.12 -21.85
CA VAL C 165 1.50 -2.14 -20.81
C VAL C 165 2.02 -1.64 -19.47
N ASP C 166 3.18 -0.98 -19.51
CA ASP C 166 3.78 -0.44 -18.30
C ASP C 166 4.59 0.81 -18.64
N PHE C 167 4.67 1.73 -17.69
CA PHE C 167 5.31 3.01 -17.92
C PHE C 167 5.76 3.64 -16.61
N ARG C 168 7.06 3.93 -16.51
CA ARG C 168 7.65 4.59 -15.34
C ARG C 168 8.58 5.67 -15.84
N MET C 169 8.38 6.90 -15.38
CA MET C 169 9.22 8.01 -15.82
C MET C 169 9.85 8.72 -14.63
N ILE C 170 9.77 8.08 -13.47
CA ILE C 170 10.26 8.64 -12.23
C ILE C 170 11.16 7.63 -11.53
N GLY C 171 12.38 8.04 -11.20
CA GLY C 171 13.32 7.14 -10.53
C GLY C 171 14.71 7.31 -11.10
N ALA C 172 15.57 6.32 -10.86
CA ALA C 172 16.92 6.36 -11.42
C ALA C 172 16.88 6.08 -12.91
N THR C 173 15.95 5.21 -13.32
CA THR C 173 15.76 4.88 -14.72
C THR C 173 14.27 4.89 -15.07
N GLY C 174 13.97 5.14 -16.35
CA GLY C 174 12.60 5.11 -16.83
C GLY C 174 12.37 3.86 -17.64
N ARG C 175 11.12 3.40 -17.74
CA ARG C 175 10.83 2.13 -18.40
C ARG C 175 9.54 2.18 -19.20
N VAL C 176 9.54 1.46 -20.31
CA VAL C 176 8.40 1.39 -21.20
C VAL C 176 8.17 -0.05 -21.65
N TYR C 177 6.95 -0.54 -21.47
CA TYR C 177 6.54 -1.84 -21.99
C TYR C 177 5.40 -1.62 -22.97
N LEU C 178 5.65 -1.91 -24.24
CA LEU C 178 4.61 -1.79 -25.26
C LEU C 178 4.29 -3.17 -25.83
N SER C 179 3.00 -3.43 -26.06
CA SER C 179 2.61 -4.69 -26.67
C SER C 179 1.73 -4.47 -27.88
N GLY C 180 1.65 -5.49 -28.73
CA GLY C 180 0.82 -5.46 -29.92
C GLY C 180 1.28 -6.56 -30.85
N THR C 181 0.85 -6.51 -32.11
CA THR C 181 1.40 -7.42 -33.11
C THR C 181 2.88 -7.14 -33.28
N GLU C 182 3.61 -8.09 -33.84
CA GLU C 182 5.05 -7.92 -33.99
C GLU C 182 5.36 -6.74 -34.92
N ALA C 183 4.56 -6.57 -35.97
CA ALA C 183 4.76 -5.48 -36.91
C ALA C 183 4.62 -4.12 -36.24
N ASP C 184 3.58 -3.95 -35.43
CA ASP C 184 3.36 -2.70 -34.72
C ASP C 184 4.45 -2.42 -33.69
N VAL C 185 4.89 -3.47 -33.00
CA VAL C 185 5.90 -3.33 -31.96
C VAL C 185 7.25 -2.89 -32.56
N ARG C 186 7.59 -3.46 -33.72
CA ARG C 186 8.81 -3.07 -34.43
C ARG C 186 8.78 -1.59 -34.79
N GLN C 187 7.62 -1.13 -35.28
CA GLN C 187 7.43 0.28 -35.58
C GLN C 187 7.55 1.15 -34.33
N ALA C 188 6.87 0.75 -33.26
CA ALA C 188 6.92 1.49 -32.01
C ALA C 188 8.37 1.57 -31.51
N ALA C 189 9.08 0.46 -31.62
CA ALA C 189 10.46 0.38 -31.16
C ALA C 189 11.38 1.35 -31.88
N ASP C 190 11.32 1.36 -33.21
CA ASP C 190 12.16 2.25 -33.98
C ASP C 190 11.84 3.71 -33.66
N ALA C 191 10.57 4.02 -33.47
CA ALA C 191 10.16 5.39 -33.19
C ALA C 191 10.66 5.83 -31.82
N ALA C 192 10.49 4.97 -30.81
CA ALA C 192 10.97 5.26 -29.46
C ALA C 192 12.47 5.53 -29.47
N ARG C 193 13.21 4.66 -30.16
CA ARG C 193 14.65 4.75 -30.22
C ARG C 193 15.11 6.00 -30.97
N ASP C 194 14.51 6.28 -32.12
CA ASP C 194 14.84 7.46 -32.90
C ASP C 194 14.52 8.74 -32.13
N ALA C 195 13.50 8.67 -31.29
CA ALA C 195 13.10 9.82 -30.49
C ALA C 195 14.19 10.17 -29.47
N LEU C 196 14.86 9.14 -28.96
CA LEU C 196 15.92 9.33 -27.98
C LEU C 196 17.26 9.59 -28.66
N ALA C 197 17.25 9.56 -29.99
CA ALA C 197 18.44 9.86 -30.78
C ALA C 197 18.39 11.28 -31.33
N VAL C 198 17.18 11.79 -31.49
CA VAL C 198 16.96 13.16 -31.94
C VAL C 198 17.36 14.15 -30.85
N LEU C 199 17.10 13.80 -29.59
CA LEU C 199 17.49 14.65 -28.48
C LEU C 199 18.97 14.50 -28.16
N GLN C 200 19.61 13.53 -28.80
CA GLN C 200 21.05 13.37 -28.71
C GLN C 200 21.76 14.28 -29.71
N GLY C 201 21.12 14.51 -30.85
CA GLY C 201 21.67 15.37 -31.88
C GLY C 201 21.16 16.79 -31.79
N ALA D 2 -33.54 0.41 -8.22
CA ALA D 2 -32.53 1.46 -8.09
C ALA D 2 -32.83 2.36 -6.89
N GLU D 3 -31.95 3.34 -6.68
CA GLU D 3 -32.10 4.28 -5.57
C GLU D 3 -31.18 5.48 -5.74
N LEU D 4 -31.76 6.68 -5.76
CA LEU D 4 -30.96 7.89 -5.76
C LEU D 4 -30.64 8.27 -4.33
N ARG D 5 -29.38 8.11 -3.94
CA ARG D 5 -28.97 8.38 -2.56
C ARG D 5 -28.55 9.83 -2.37
N SER D 6 -28.09 10.44 -3.44
CA SER D 6 -27.55 11.79 -3.35
C SER D 6 -27.53 12.52 -4.69
N PHE D 7 -27.82 13.80 -4.65
CA PHE D 7 -27.75 14.67 -5.82
C PHE D 7 -27.36 16.05 -5.33
N ILE D 8 -26.07 16.24 -5.10
CA ILE D 8 -25.57 17.42 -4.40
C ILE D 8 -24.88 18.40 -5.33
N PHE D 9 -25.26 19.67 -5.22
CA PHE D 9 -24.53 20.72 -5.93
C PHE D 9 -23.74 21.56 -4.95
N ILE D 10 -22.44 21.67 -5.20
CA ILE D 10 -21.57 22.58 -4.46
C ILE D 10 -21.26 23.77 -5.35
N ASP D 11 -21.71 24.96 -4.94
CA ASP D 11 -21.54 26.15 -5.76
C ASP D 11 -20.07 26.53 -5.91
N ARG D 12 -19.36 26.54 -4.78
CA ARG D 12 -17.97 26.97 -4.77
C ARG D 12 -17.14 26.11 -3.83
N LEU D 13 -16.29 25.27 -4.39
CA LEU D 13 -15.42 24.41 -3.58
C LEU D 13 -14.40 25.25 -2.83
N GLN D 14 -14.28 24.98 -1.53
CA GLN D 14 -13.30 25.63 -0.68
C GLN D 14 -11.96 24.89 -0.78
N PRO D 15 -10.84 25.60 -0.61
CA PRO D 15 -9.50 25.05 -0.86
C PRO D 15 -9.18 23.75 -0.12
N GLN D 16 -9.43 23.67 1.18
CA GLN D 16 -9.12 22.45 1.92
C GLN D 16 -9.96 21.28 1.45
N THR D 17 -11.23 21.54 1.18
CA THR D 17 -12.12 20.51 0.67
C THR D 17 -11.63 20.03 -0.70
N MET D 18 -11.33 21.00 -1.55
CA MET D 18 -10.78 20.73 -2.88
C MET D 18 -9.46 19.97 -2.79
N SER D 19 -8.57 20.44 -1.92
CA SER D 19 -7.22 19.89 -1.82
C SER D 19 -7.23 18.47 -1.29
N TYR D 20 -8.19 18.17 -0.42
CA TYR D 20 -8.32 16.83 0.12
C TYR D 20 -8.64 15.84 -1.00
N LEU D 21 -9.46 16.30 -1.94
CA LEU D 21 -9.84 15.49 -3.09
C LEU D 21 -8.63 15.20 -3.99
N GLY D 22 -7.60 16.03 -3.89
CA GLY D 22 -6.38 15.85 -4.65
C GLY D 22 -5.78 14.46 -4.57
N THR D 23 -6.04 13.77 -3.45
CA THR D 23 -5.61 12.40 -3.29
C THR D 23 -6.57 11.43 -4.00
N TRP D 24 -6.98 11.80 -5.22
CA TRP D 24 -7.82 10.95 -6.06
C TRP D 24 -7.37 11.03 -7.51
N ASN D 33 -12.03 27.31 -7.20
CA ASN D 33 -13.30 27.63 -6.57
C ASN D 33 -14.47 27.22 -7.45
N MET D 34 -14.27 26.13 -8.18
CA MET D 34 -15.23 25.63 -9.14
C MET D 34 -16.49 25.06 -8.51
N ALA D 35 -17.56 25.00 -9.28
CA ALA D 35 -18.76 24.31 -8.87
C ALA D 35 -18.55 22.80 -9.06
N ALA D 36 -19.28 22.01 -8.27
CA ALA D 36 -19.20 20.56 -8.40
C ALA D 36 -20.60 19.95 -8.30
N GLN D 37 -20.75 18.76 -8.86
CA GLN D 37 -21.95 17.96 -8.62
C GLN D 37 -21.52 16.59 -8.11
N ILE D 38 -22.19 16.12 -7.06
CA ILE D 38 -21.90 14.80 -6.52
C ILE D 38 -23.16 13.95 -6.62
N ILE D 39 -23.05 12.77 -7.21
CA ILE D 39 -24.20 11.88 -7.34
C ILE D 39 -23.87 10.49 -6.80
N GLU D 40 -24.60 10.08 -5.77
CA GLU D 40 -24.47 8.72 -5.24
C GLU D 40 -25.73 7.92 -5.58
N VAL D 41 -25.55 6.66 -5.97
CA VAL D 41 -26.67 5.81 -6.35
C VAL D 41 -26.51 4.39 -5.86
N ALA D 42 -27.62 3.66 -5.86
CA ALA D 42 -27.62 2.21 -5.64
C ALA D 42 -28.57 1.56 -6.65
N PRO D 43 -28.19 0.40 -7.20
CA PRO D 43 -26.93 -0.30 -7.00
C PRO D 43 -25.77 0.45 -7.64
N GLY D 44 -24.56 0.21 -7.16
CA GLY D 44 -23.40 0.99 -7.55
C GLY D 44 -23.16 1.09 -9.05
N LEU D 45 -23.31 -0.02 -9.76
CA LEU D 45 -22.95 -0.06 -11.17
C LEU D 45 -23.88 0.80 -12.03
N ASP D 46 -24.99 1.24 -11.46
CA ASP D 46 -25.89 2.16 -12.16
C ASP D 46 -25.23 3.52 -12.38
N ILE D 47 -24.13 3.78 -11.69
CA ILE D 47 -23.44 5.06 -11.81
C ILE D 47 -22.75 5.17 -13.16
N GLU D 48 -22.51 4.03 -13.81
CA GLU D 48 -21.84 4.03 -15.12
C GLU D 48 -22.77 4.55 -16.21
N GLY D 49 -24.03 4.16 -16.13
CA GLY D 49 -25.03 4.67 -17.05
C GLY D 49 -25.22 6.16 -16.81
N VAL D 50 -25.23 6.54 -15.55
CA VAL D 50 -25.35 7.94 -15.15
C VAL D 50 -24.21 8.76 -15.70
N THR D 51 -22.99 8.25 -15.55
CA THR D 51 -21.78 8.95 -15.98
C THR D 51 -21.75 9.13 -17.49
N ASP D 52 -22.16 8.10 -18.22
CA ASP D 52 -22.18 8.15 -19.67
C ASP D 52 -23.13 9.22 -20.18
N VAL D 53 -24.22 9.43 -19.46
CA VAL D 53 -25.20 10.46 -19.82
C VAL D 53 -24.72 11.85 -19.39
N ALA D 54 -24.20 11.93 -18.17
CA ALA D 54 -23.75 13.19 -17.60
C ALA D 54 -22.57 13.75 -18.39
N LEU D 55 -21.60 12.90 -18.69
CA LEU D 55 -20.33 13.34 -19.27
C LEU D 55 -20.29 13.30 -20.81
N LYS D 56 -21.34 12.83 -21.47
CA LYS D 56 -21.35 12.83 -22.94
C LYS D 56 -21.40 14.29 -23.43
N HIS D 57 -22.12 15.09 -22.66
CA HIS D 57 -22.07 16.56 -22.68
C HIS D 57 -20.63 17.04 -22.45
N ALA D 58 -19.92 16.33 -21.56
CA ALA D 58 -18.58 16.70 -21.11
C ALA D 58 -18.51 18.07 -20.44
N GLU D 59 -17.68 18.95 -21.01
CA GLU D 59 -17.48 20.32 -20.53
C GLU D 59 -17.15 20.42 -19.03
N VAL D 60 -17.12 19.29 -18.32
CA VAL D 60 -16.78 19.29 -16.90
C VAL D 60 -15.67 18.27 -16.72
N LYS D 61 -15.03 18.29 -15.56
CA LYS D 61 -13.98 17.32 -15.28
C LYS D 61 -14.34 16.50 -14.06
N ALA D 62 -14.47 15.19 -14.28
CA ALA D 62 -14.87 14.27 -13.24
C ALA D 62 -13.70 13.85 -12.37
N GLY D 63 -13.73 14.25 -11.11
CA GLY D 63 -12.67 13.91 -10.17
C GLY D 63 -12.90 12.57 -9.50
N ILE D 64 -14.16 12.13 -9.45
CA ILE D 64 -14.49 10.86 -8.82
C ILE D 64 -15.44 10.02 -9.65
N LEU D 65 -15.04 8.77 -9.88
CA LEU D 65 -15.92 7.76 -10.44
C LEU D 65 -15.59 6.45 -9.73
N VAL D 66 -16.43 6.08 -8.77
CA VAL D 66 -16.16 4.91 -7.94
C VAL D 66 -17.39 4.04 -7.77
N VAL D 67 -17.19 2.73 -7.86
CA VAL D 67 -18.19 1.77 -7.41
C VAL D 67 -17.57 0.98 -6.26
N GLU D 68 -17.97 1.32 -5.04
CA GLU D 68 -17.45 0.66 -3.85
C GLU D 68 -18.26 -0.59 -3.53
N ARG D 69 -18.23 -1.00 -2.26
CA ARG D 69 -18.87 -2.25 -1.84
C ARG D 69 -20.35 -2.32 -2.23
N GLN D 70 -21.04 -1.20 -2.15
CA GLN D 70 -22.48 -1.18 -2.35
C GLN D 70 -22.91 -0.06 -3.29
N PHE D 71 -22.26 1.09 -3.16
CA PHE D 71 -22.78 2.31 -3.75
C PHE D 71 -21.88 2.87 -4.86
N GLY D 72 -22.51 3.59 -5.78
CA GLY D 72 -21.80 4.18 -6.91
C GLY D 72 -21.72 5.69 -6.79
N TYR D 73 -20.56 6.24 -7.13
CA TYR D 73 -20.31 7.66 -6.94
C TYR D 73 -19.81 8.31 -8.21
N LEU D 74 -20.37 9.48 -8.50
CA LEU D 74 -19.88 10.31 -9.57
C LEU D 74 -19.75 11.72 -9.05
N GLU D 75 -18.56 12.29 -9.25
CA GLU D 75 -18.33 13.69 -8.95
C GLU D 75 -17.72 14.33 -10.18
N PHE D 76 -18.27 15.47 -10.60
CA PHE D 76 -17.66 16.24 -11.65
C PHE D 76 -17.73 17.72 -11.31
N HIS D 77 -16.66 18.43 -11.64
CA HIS D 77 -16.56 19.85 -11.35
C HIS D 77 -16.17 20.62 -12.59
N GLY D 78 -15.73 21.85 -12.39
CA GLY D 78 -15.54 22.77 -13.49
C GLY D 78 -16.43 23.98 -13.27
N GLU D 79 -16.76 24.71 -14.33
CA GLU D 79 -17.54 25.92 -14.16
C GLU D 79 -19.04 25.62 -14.11
N THR D 80 -19.77 26.49 -13.40
CA THR D 80 -21.12 26.23 -12.91
C THR D 80 -22.16 25.80 -13.94
N GLY D 81 -22.34 26.61 -14.98
CA GLY D 81 -23.33 26.32 -16.00
C GLY D 81 -23.18 24.95 -16.62
N ALA D 82 -21.96 24.58 -16.97
CA ALA D 82 -21.71 23.28 -17.58
C ALA D 82 -22.02 22.16 -16.58
N VAL D 83 -21.67 22.37 -15.31
CA VAL D 83 -21.97 21.39 -14.26
C VAL D 83 -23.46 21.09 -14.17
N LYS D 84 -24.26 22.16 -14.09
CA LYS D 84 -25.71 22.03 -13.95
C LYS D 84 -26.34 21.35 -15.16
N ALA D 85 -25.83 21.66 -16.35
CA ALA D 85 -26.31 21.05 -17.58
C ALA D 85 -26.06 19.54 -17.55
N ALA D 86 -24.85 19.15 -17.16
CA ALA D 86 -24.53 17.74 -16.98
C ALA D 86 -25.38 17.13 -15.87
N ALA D 87 -25.53 17.88 -14.77
CA ALA D 87 -26.34 17.43 -13.65
C ALA D 87 -27.79 17.19 -14.06
N ASP D 88 -28.32 18.08 -14.90
CA ASP D 88 -29.69 17.95 -15.37
C ASP D 88 -29.84 16.77 -16.32
N ALA D 89 -28.82 16.52 -17.13
CA ALA D 89 -28.81 15.38 -18.03
C ALA D 89 -28.83 14.08 -17.24
N ALA D 90 -27.99 14.00 -16.21
CA ALA D 90 -28.00 12.84 -15.32
C ALA D 90 -29.38 12.71 -14.67
N LEU D 91 -29.88 13.83 -14.15
CA LEU D 91 -31.16 13.87 -13.45
C LEU D 91 -32.31 13.27 -14.27
N ASP D 92 -32.43 13.68 -15.53
CA ASP D 92 -33.46 13.16 -16.42
C ASP D 92 -33.31 11.66 -16.64
N TYR D 93 -32.06 11.20 -16.71
CA TYR D 93 -31.77 9.78 -16.89
C TYR D 93 -32.24 8.96 -15.69
N LEU D 94 -32.05 9.52 -14.49
CA LEU D 94 -32.34 8.80 -13.26
C LEU D 94 -33.84 8.59 -13.06
N GLY D 95 -34.51 9.61 -12.55
CA GLY D 95 -35.96 9.60 -12.43
C GLY D 95 -36.58 10.90 -12.90
N GLY D 96 -35.75 11.92 -13.11
CA GLY D 96 -36.22 13.20 -13.58
C GLY D 96 -37.03 13.93 -12.53
N ASP D 97 -36.42 14.18 -11.37
CA ASP D 97 -36.93 15.03 -10.30
C ASP D 97 -35.92 14.90 -9.15
N PRO D 98 -35.37 16.04 -8.68
CA PRO D 98 -34.24 16.00 -7.73
C PRO D 98 -34.60 16.05 -6.25
N ASP D 99 -35.59 15.26 -5.86
CA ASP D 99 -36.08 15.25 -4.48
C ASP D 99 -36.40 13.82 -4.05
N ALA D 100 -36.29 12.89 -5.00
CA ALA D 100 -36.38 11.47 -4.73
C ALA D 100 -35.09 10.97 -4.09
N ALA D 101 -34.10 11.85 -3.96
CA ALA D 101 -32.84 11.51 -3.32
C ALA D 101 -33.03 11.32 -1.83
N VAL D 102 -32.38 10.30 -1.30
CA VAL D 102 -32.33 10.06 0.14
C VAL D 102 -31.76 11.27 0.86
N ARG D 103 -32.50 11.81 1.82
CA ARG D 103 -32.03 12.94 2.59
C ARG D 103 -31.03 12.45 3.63
N PRO D 104 -30.07 13.31 4.01
CA PRO D 104 -29.04 12.85 4.94
C PRO D 104 -29.57 12.60 6.34
N GLU D 105 -29.01 11.59 7.00
CA GLU D 105 -29.25 11.36 8.40
C GLU D 105 -27.95 11.55 9.18
N ILE D 106 -27.97 12.43 10.16
CA ILE D 106 -26.82 12.62 11.03
C ILE D 106 -26.81 11.52 12.07
N LEU D 107 -25.98 10.51 11.85
CA LEU D 107 -25.91 9.36 12.75
C LEU D 107 -25.25 9.75 14.07
N ALA D 108 -24.31 10.68 13.99
CA ALA D 108 -23.57 11.14 15.16
C ALA D 108 -22.89 12.46 14.85
N SER D 109 -22.79 13.32 15.86
CA SER D 109 -22.12 14.60 15.72
C SER D 109 -21.73 15.11 17.09
N ARG D 110 -20.50 15.58 17.23
CA ARG D 110 -20.00 15.96 18.54
C ARG D 110 -18.88 16.98 18.47
N ILE D 111 -18.95 17.97 19.37
CA ILE D 111 -17.82 18.87 19.57
C ILE D 111 -17.01 18.36 20.75
N ILE D 112 -15.75 17.99 20.48
CA ILE D 112 -14.87 17.48 21.52
C ILE D 112 -13.87 18.54 21.94
N SER D 113 -14.05 19.06 23.15
CA SER D 113 -13.22 20.14 23.66
C SER D 113 -11.79 19.68 23.96
N SER D 114 -10.82 20.43 23.46
CA SER D 114 -9.40 20.26 23.77
C SER D 114 -8.92 18.80 23.76
N ILE D 115 -8.58 18.30 22.59
CA ILE D 115 -8.22 16.91 22.41
C ILE D 115 -6.97 16.52 23.24
N ASP D 116 -6.97 15.27 23.73
CA ASP D 116 -5.83 14.75 24.48
C ASP D 116 -4.70 14.37 23.51
N HIS D 117 -3.46 14.47 23.99
CA HIS D 117 -2.29 14.22 23.14
C HIS D 117 -2.32 12.84 22.50
N GLN D 118 -2.77 11.84 23.24
CA GLN D 118 -2.89 10.49 22.70
C GLN D 118 -3.94 10.44 21.60
N HIS D 119 -5.09 11.04 21.89
CA HIS D 119 -6.22 11.10 20.99
C HIS D 119 -5.81 11.69 19.65
N ALA D 120 -5.05 12.79 19.72
CA ALA D 120 -4.57 13.47 18.53
C ALA D 120 -3.72 12.55 17.65
N PHE D 121 -2.82 11.81 18.27
CA PHE D 121 -1.89 10.98 17.51
C PHE D 121 -2.62 9.85 16.81
N LEU D 122 -3.57 9.26 17.52
CA LEU D 122 -4.35 8.18 16.96
C LEU D 122 -5.20 8.65 15.78
N ILE D 123 -5.70 9.87 15.88
CA ILE D 123 -6.45 10.44 14.77
C ILE D 123 -5.51 10.72 13.60
N ASN D 124 -4.33 11.23 13.89
CA ASN D 124 -3.37 11.60 12.85
C ASN D 124 -2.85 10.45 12.00
N ARG D 125 -2.68 9.27 12.57
CA ARG D 125 -2.19 8.15 11.78
C ARG D 125 -3.33 7.42 11.07
N ASN D 126 -4.57 7.77 11.40
CA ASN D 126 -5.74 7.18 10.75
C ASN D 126 -6.13 7.94 9.50
N LYS D 127 -5.88 9.23 9.54
CA LYS D 127 -6.47 10.16 8.60
C LYS D 127 -5.50 10.70 7.55
N ILE D 128 -6.05 11.06 6.40
CA ILE D 128 -5.32 11.88 5.45
C ILE D 128 -5.97 13.26 5.57
N GLY D 129 -5.29 14.31 5.18
CA GLY D 129 -5.78 15.65 5.48
C GLY D 129 -4.92 16.31 6.54
N SER D 130 -5.30 17.51 6.96
CA SER D 130 -4.47 18.27 7.88
C SER D 130 -4.34 17.62 9.25
N MET D 131 -3.29 18.01 9.95
CA MET D 131 -2.90 17.41 11.21
C MET D 131 -3.67 18.00 12.39
N VAL D 132 -4.26 17.15 13.24
CA VAL D 132 -4.87 17.65 14.47
C VAL D 132 -3.79 17.68 15.56
N LEU D 133 -3.79 18.75 16.35
CA LEU D 133 -2.75 18.92 17.36
C LEU D 133 -3.34 18.80 18.75
N PRO D 134 -2.57 18.20 19.68
CA PRO D 134 -3.01 18.10 21.08
C PRO D 134 -3.44 19.47 21.61
N GLY D 135 -4.60 19.53 22.24
CA GLY D 135 -5.10 20.79 22.78
C GLY D 135 -6.20 21.43 21.95
N GLU D 136 -6.14 21.27 20.64
CA GLU D 136 -7.18 21.79 19.75
C GLU D 136 -8.52 21.14 20.03
N SER D 137 -9.60 21.83 19.71
CA SER D 137 -10.93 21.24 19.81
C SER D 137 -11.27 20.55 18.51
N LEU D 138 -12.24 19.64 18.56
CA LEU D 138 -12.55 18.80 17.41
C LEU D 138 -14.06 18.65 17.20
N PHE D 139 -14.50 18.87 15.97
CA PHE D 139 -15.87 18.54 15.59
C PHE D 139 -15.87 17.27 14.75
N VAL D 140 -16.74 16.32 15.13
CA VAL D 140 -16.87 15.08 14.38
C VAL D 140 -18.32 14.89 13.96
N LEU D 141 -18.51 14.42 12.73
CA LEU D 141 -19.85 14.23 12.21
C LEU D 141 -19.92 13.01 11.30
N GLU D 142 -20.99 12.23 11.44
CA GLU D 142 -21.19 11.04 10.62
C GLU D 142 -22.57 11.12 9.97
N VAL D 143 -22.60 10.94 8.65
CA VAL D 143 -23.85 11.02 7.91
C VAL D 143 -24.04 9.87 6.94
N ALA D 144 -25.30 9.53 6.70
CA ALA D 144 -25.67 8.59 5.65
C ALA D 144 -26.84 9.19 4.86
N PRO D 145 -26.78 9.15 3.53
CA PRO D 145 -25.71 8.61 2.68
C PRO D 145 -24.36 9.33 2.86
N ALA D 146 -23.28 8.60 2.60
CA ALA D 146 -21.93 9.09 2.86
C ALA D 146 -21.57 10.37 2.13
N SER D 147 -22.02 10.49 0.88
CA SER D 147 -21.54 11.57 0.01
C SER D 147 -21.93 12.95 0.53
N TYR D 148 -22.92 13.01 1.41
CA TYR D 148 -23.34 14.29 1.99
C TYR D 148 -22.26 14.92 2.86
N ALA D 149 -21.23 14.15 3.19
CA ALA D 149 -20.13 14.66 3.99
C ALA D 149 -19.42 15.81 3.29
N ILE D 150 -19.37 15.78 1.95
CA ILE D 150 -18.75 16.86 1.19
C ILE D 150 -19.52 18.18 1.39
N LEU D 151 -20.83 18.10 1.48
CA LEU D 151 -21.67 19.27 1.68
C LEU D 151 -21.43 19.90 3.04
N ALA D 152 -21.47 19.06 4.08
CA ALA D 152 -21.22 19.52 5.44
C ALA D 152 -19.82 20.11 5.54
N THR D 153 -18.85 19.43 4.93
CA THR D 153 -17.45 19.85 5.02
C THR D 153 -17.22 21.19 4.32
N ASN D 154 -17.70 21.29 3.08
CA ASN D 154 -17.52 22.51 2.30
C ASN D 154 -18.12 23.73 3.00
N GLU D 155 -19.34 23.58 3.49
CA GLU D 155 -20.05 24.68 4.15
C GLU D 155 -19.42 25.02 5.50
N ALA D 156 -18.77 24.03 6.12
CA ALA D 156 -18.07 24.28 7.38
C ALA D 156 -16.84 25.15 7.15
N GLU D 157 -16.02 24.77 6.17
CA GLU D 157 -14.80 25.51 5.86
C GLU D 157 -15.13 26.92 5.37
N LYS D 158 -16.24 27.03 4.65
CA LYS D 158 -16.69 28.30 4.13
C LYS D 158 -17.07 29.23 5.29
N ALA D 159 -17.57 28.65 6.38
CA ALA D 159 -18.16 29.45 7.45
C ALA D 159 -17.24 29.68 8.64
N ALA D 160 -16.16 28.91 8.76
CA ALA D 160 -15.31 29.02 9.93
C ALA D 160 -13.82 28.82 9.60
N ASP D 161 -12.97 29.23 10.53
CA ASP D 161 -11.53 29.06 10.37
C ASP D 161 -11.07 27.77 11.04
N VAL D 162 -11.26 26.66 10.34
CA VAL D 162 -10.91 25.34 10.88
C VAL D 162 -10.06 24.54 9.90
N LYS D 163 -9.39 23.51 10.42
CA LYS D 163 -8.64 22.59 9.59
C LYS D 163 -9.48 21.36 9.27
N VAL D 164 -9.57 21.00 8.00
CA VAL D 164 -10.20 19.74 7.63
C VAL D 164 -9.24 18.62 7.99
N VAL D 165 -9.43 18.01 9.15
CA VAL D 165 -8.53 16.95 9.60
C VAL D 165 -8.79 15.66 8.84
N ASP D 166 -10.04 15.24 8.80
CA ASP D 166 -10.39 14.07 8.01
C ASP D 166 -11.77 14.24 7.38
N PHE D 167 -11.97 13.56 6.26
CA PHE D 167 -13.19 13.71 5.50
C PHE D 167 -13.40 12.51 4.59
N ARG D 168 -14.48 11.76 4.80
CA ARG D 168 -14.76 10.63 3.93
C ARG D 168 -16.19 10.67 3.42
N MET D 169 -16.35 10.53 2.11
CA MET D 169 -17.66 10.70 1.49
C MET D 169 -18.09 9.43 0.76
N ILE D 170 -17.28 8.38 0.85
CA ILE D 170 -17.59 7.14 0.16
C ILE D 170 -17.66 5.97 1.13
N GLY D 171 -18.78 5.24 1.09
CA GLY D 171 -18.97 4.11 1.97
C GLY D 171 -20.39 4.05 2.49
N ALA D 172 -20.60 3.28 3.55
CA ALA D 172 -21.90 3.17 4.21
C ALA D 172 -22.25 4.50 4.87
N THR D 173 -21.26 5.14 5.48
CA THR D 173 -21.47 6.43 6.14
C THR D 173 -20.32 7.38 5.81
N GLY D 174 -20.60 8.68 5.82
CA GLY D 174 -19.59 9.69 5.58
C GLY D 174 -19.13 10.31 6.88
N ARG D 175 -17.93 10.87 6.88
CA ARG D 175 -17.31 11.37 8.11
C ARG D 175 -16.63 12.71 7.93
N VAL D 176 -16.76 13.59 8.91
CA VAL D 176 -16.06 14.87 8.90
C VAL D 176 -15.34 15.09 10.22
N TYR D 177 -14.05 15.43 10.14
CA TYR D 177 -13.25 15.80 11.31
C TYR D 177 -12.72 17.21 11.13
N LEU D 178 -13.08 18.12 12.01
CA LEU D 178 -12.59 19.49 11.93
C LEU D 178 -11.94 19.92 13.24
N SER D 179 -10.81 20.61 13.16
CA SER D 179 -10.13 21.08 14.36
C SER D 179 -9.76 22.56 14.31
N GLY D 180 -9.37 23.10 15.45
CA GLY D 180 -9.08 24.52 15.60
C GLY D 180 -9.47 24.93 17.00
N THR D 181 -9.58 26.23 17.23
CA THR D 181 -10.04 26.72 18.52
C THR D 181 -11.48 26.28 18.72
N GLU D 182 -11.88 26.09 19.97
CA GLU D 182 -13.24 25.67 20.26
C GLU D 182 -14.26 26.62 19.65
N ALA D 183 -13.96 27.92 19.71
CA ALA D 183 -14.85 28.94 19.14
C ALA D 183 -15.08 28.69 17.65
N ASP D 184 -13.98 28.53 16.91
CA ASP D 184 -14.06 28.30 15.47
C ASP D 184 -14.72 26.97 15.15
N VAL D 185 -14.43 25.96 15.95
CA VAL D 185 -14.97 24.62 15.73
C VAL D 185 -16.49 24.62 15.90
N ARG D 186 -17.00 25.40 16.86
CA ARG D 186 -18.44 25.48 17.09
C ARG D 186 -19.18 26.12 15.92
N GLN D 187 -18.59 27.14 15.31
CA GLN D 187 -19.21 27.79 14.17
C GLN D 187 -19.24 26.84 12.96
N ALA D 188 -18.16 26.10 12.77
CA ALA D 188 -18.10 25.10 11.71
C ALA D 188 -19.18 24.05 11.94
N ALA D 189 -19.31 23.61 13.19
CA ALA D 189 -20.29 22.61 13.59
C ALA D 189 -21.71 23.04 13.23
N ASP D 190 -22.04 24.28 13.58
CA ASP D 190 -23.37 24.83 13.29
C ASP D 190 -23.63 24.86 11.79
N ALA D 191 -22.66 25.33 11.02
CA ALA D 191 -22.80 25.41 9.57
C ALA D 191 -22.88 24.02 8.95
N ALA D 192 -22.06 23.10 9.45
CA ALA D 192 -22.06 21.73 8.96
C ALA D 192 -23.41 21.06 9.20
N ARG D 193 -23.97 21.29 10.39
CA ARG D 193 -25.26 20.71 10.75
C ARG D 193 -26.41 21.36 9.99
N ASP D 194 -26.33 22.68 9.80
CA ASP D 194 -27.39 23.41 9.13
C ASP D 194 -27.36 23.21 7.61
N ALA D 195 -26.19 22.90 7.08
CA ALA D 195 -26.06 22.56 5.67
C ALA D 195 -26.84 21.28 5.37
N LEU D 196 -26.93 20.41 6.36
CA LEU D 196 -27.62 19.14 6.21
C LEU D 196 -29.10 19.26 6.58
N ALA D 197 -29.49 20.43 7.05
CA ALA D 197 -30.90 20.72 7.32
C ALA D 197 -31.68 20.80 6.02
N VAL D 198 -32.81 20.08 5.98
CA VAL D 198 -33.63 20.05 4.77
C VAL D 198 -35.09 20.37 5.07
N LEU D 199 -35.74 21.06 4.15
CA LEU D 199 -37.18 21.33 4.24
C LEU D 199 -37.95 20.15 3.65
N GLN D 200 -39.07 19.78 4.28
CA GLN D 200 -39.72 18.51 3.94
C GLN D 200 -41.24 18.46 4.06
N GLY D 201 -41.88 19.58 4.35
CA GLY D 201 -43.32 19.57 4.53
C GLY D 201 -44.02 20.76 3.88
N ALA E 2 -25.91 4.07 19.50
CA ALA E 2 -27.16 3.33 19.45
C ALA E 2 -26.94 1.86 19.79
N GLU E 3 -25.67 1.45 19.85
CA GLU E 3 -25.34 0.06 20.15
C GLU E 3 -23.95 -0.08 20.79
N LEU E 4 -23.92 -0.72 21.95
CA LEU E 4 -22.65 -1.14 22.54
C LEU E 4 -22.36 -2.55 22.07
N ARG E 5 -21.40 -2.69 21.18
CA ARG E 5 -21.13 -3.98 20.57
C ARG E 5 -20.20 -4.83 21.43
N SER E 6 -19.31 -4.18 22.18
CA SER E 6 -18.47 -4.90 23.12
C SER E 6 -17.93 -3.99 24.20
N PHE E 7 -17.71 -4.58 25.38
CA PHE E 7 -17.10 -3.89 26.51
C PHE E 7 -16.22 -4.91 27.22
N ILE E 8 -15.02 -5.09 26.69
CA ILE E 8 -14.18 -6.22 27.08
C ILE E 8 -13.07 -5.80 28.02
N PHE E 9 -12.99 -6.46 29.17
CA PHE E 9 -11.85 -6.29 30.07
C PHE E 9 -10.91 -7.47 29.96
N ILE E 10 -9.65 -7.20 29.65
CA ILE E 10 -8.60 -8.21 29.68
C ILE E 10 -7.77 -8.04 30.95
N ASP E 11 -7.70 -9.09 31.77
CA ASP E 11 -7.00 -9.00 33.06
C ASP E 11 -5.48 -8.92 32.89
N ARG E 12 -4.93 -9.72 31.99
CA ARG E 12 -3.51 -9.67 31.71
C ARG E 12 -3.21 -10.03 30.25
N LEU E 13 -2.61 -9.07 29.56
CA LEU E 13 -2.31 -9.23 28.14
C LEU E 13 -1.13 -10.16 27.92
N GLN E 14 -1.21 -10.96 26.86
CA GLN E 14 -0.12 -11.85 26.48
C GLN E 14 0.67 -11.21 25.32
N PRO E 15 1.96 -11.57 25.18
CA PRO E 15 2.91 -10.92 24.26
C PRO E 15 2.43 -10.76 22.80
N GLN E 16 1.94 -11.83 22.17
CA GLN E 16 1.55 -11.73 20.76
C GLN E 16 0.31 -10.86 20.61
N THR E 17 -0.68 -11.09 21.46
CA THR E 17 -1.89 -10.28 21.47
C THR E 17 -1.53 -8.81 21.70
N MET E 18 -0.63 -8.57 22.65
CA MET E 18 -0.09 -7.23 22.93
C MET E 18 0.47 -6.51 21.72
N SER E 19 1.15 -7.26 20.87
CA SER E 19 1.86 -6.67 19.73
C SER E 19 0.89 -5.98 18.78
N TYR E 20 -0.34 -6.46 18.73
CA TYR E 20 -1.34 -5.86 17.88
C TYR E 20 -1.86 -4.57 18.50
N LEU E 21 -1.54 -4.37 19.78
CA LEU E 21 -1.92 -3.15 20.49
C LEU E 21 -0.76 -2.16 20.56
N GLY E 22 0.35 -2.52 19.94
CA GLY E 22 1.52 -1.64 19.89
C GLY E 22 2.31 -1.59 21.18
N THR E 23 2.24 -2.65 21.97
CA THR E 23 2.99 -2.69 23.21
C THR E 23 3.66 -4.06 23.41
N TRP E 24 4.31 -4.23 24.56
CA TRP E 24 5.06 -5.44 24.85
C TRP E 24 5.28 -5.55 26.37
N ILE E 25 5.70 -6.73 26.82
CA ILE E 25 6.00 -6.94 28.24
C ILE E 25 7.28 -6.23 28.63
N LYS E 26 7.16 -5.23 29.52
CA LYS E 26 8.32 -4.44 29.93
C LYS E 26 9.30 -5.29 30.73
N GLY E 27 10.28 -5.86 30.05
CA GLY E 27 11.27 -6.70 30.69
C GLY E 27 10.68 -8.04 31.09
N ALA E 28 11.46 -8.83 31.81
CA ALA E 28 11.01 -10.15 32.25
C ALA E 28 10.50 -10.10 33.69
N LEU E 29 9.29 -9.56 33.84
CA LEU E 29 8.68 -9.37 35.15
C LEU E 29 7.16 -9.31 35.02
N PRO E 30 6.45 -10.17 35.75
CA PRO E 30 4.99 -10.10 35.79
C PRO E 30 4.51 -8.93 36.65
N ARG E 31 5.48 -8.20 37.21
CA ARG E 31 5.19 -6.97 37.95
C ARG E 31 4.43 -6.00 37.07
N ALA E 32 5.04 -5.62 35.96
CA ALA E 32 4.42 -4.71 35.00
C ALA E 32 3.46 -5.45 34.07
N ASN E 33 2.57 -6.26 34.65
CA ASN E 33 1.49 -6.89 33.90
C ASN E 33 0.42 -5.85 33.56
N MET E 34 -0.15 -5.97 32.36
CA MET E 34 -1.06 -4.94 31.89
C MET E 34 -2.47 -5.45 31.59
N ALA E 35 -3.43 -4.79 32.21
CA ALA E 35 -4.83 -4.98 31.85
C ALA E 35 -5.13 -4.11 30.64
N ALA E 36 -6.22 -4.43 29.96
CA ALA E 36 -6.65 -3.62 28.83
C ALA E 36 -8.16 -3.62 28.75
N GLN E 37 -8.71 -2.58 28.13
CA GLN E 37 -10.15 -2.49 27.89
C GLN E 37 -10.38 -2.28 26.40
N ILE E 38 -11.33 -3.03 25.84
CA ILE E 38 -11.68 -2.88 24.43
C ILE E 38 -13.14 -2.49 24.32
N ILE E 39 -13.42 -1.48 23.52
CA ILE E 39 -14.78 -1.01 23.35
C ILE E 39 -15.13 -0.87 21.88
N GLU E 40 -16.24 -1.47 21.47
CA GLU E 40 -16.73 -1.35 20.10
C GLU E 40 -18.15 -0.83 20.10
N VAL E 41 -18.45 0.15 19.24
CA VAL E 41 -19.77 0.78 19.22
C VAL E 41 -20.32 1.02 17.82
N ALA E 42 -21.62 1.27 17.75
CA ALA E 42 -22.27 1.82 16.57
C ALA E 42 -23.19 2.96 17.02
N PRO E 43 -23.23 4.06 16.26
CA PRO E 43 -22.44 4.34 15.06
C PRO E 43 -20.96 4.55 15.38
N GLY E 44 -20.09 4.23 14.42
CA GLY E 44 -18.66 4.22 14.66
C GLY E 44 -18.07 5.49 15.28
N LEU E 45 -18.59 6.64 14.87
CA LEU E 45 -18.03 7.92 15.29
C LEU E 45 -18.23 8.20 16.79
N ASP E 46 -19.18 7.51 17.40
CA ASP E 46 -19.40 7.65 18.84
C ASP E 46 -18.15 7.31 19.65
N ILE E 47 -17.25 6.52 19.07
CA ILE E 47 -16.04 6.10 19.78
C ILE E 47 -15.13 7.30 20.09
N GLU E 48 -15.22 8.36 19.29
CA GLU E 48 -14.40 9.55 19.52
C GLU E 48 -14.75 10.21 20.86
N GLY E 49 -16.03 10.33 21.14
CA GLY E 49 -16.46 10.84 22.43
C GLY E 49 -16.06 9.91 23.57
N VAL E 50 -16.16 8.61 23.32
CA VAL E 50 -15.75 7.59 24.28
C VAL E 50 -14.27 7.75 24.64
N THR E 51 -13.45 7.87 23.62
CA THR E 51 -12.00 8.04 23.77
C THR E 51 -11.66 9.27 24.61
N ASP E 52 -12.29 10.39 24.25
CA ASP E 52 -12.08 11.64 24.98
C ASP E 52 -12.34 11.48 26.48
N VAL E 53 -13.47 10.85 26.81
CA VAL E 53 -13.83 10.59 28.21
C VAL E 53 -12.83 9.65 28.91
N ALA E 54 -12.51 8.54 28.26
CA ALA E 54 -11.63 7.52 28.86
C ALA E 54 -10.23 8.07 29.15
N LEU E 55 -9.62 8.67 28.13
CA LEU E 55 -8.23 9.13 28.21
C LEU E 55 -8.04 10.24 29.24
N LYS E 56 -9.11 10.96 29.54
CA LYS E 56 -9.01 12.09 30.46
C LYS E 56 -9.40 11.71 31.89
N HIS E 57 -9.79 10.46 32.10
CA HIS E 57 -10.17 10.03 33.45
C HIS E 57 -9.10 9.18 34.12
N ALA E 58 -8.09 8.76 33.38
CA ALA E 58 -7.03 7.94 33.97
C ALA E 58 -5.79 7.89 33.08
N GLU E 59 -4.69 7.43 33.66
CA GLU E 59 -3.42 7.31 32.93
C GLU E 59 -3.35 5.96 32.21
N VAL E 60 -3.93 5.91 31.01
CA VAL E 60 -3.91 4.69 30.21
C VAL E 60 -3.24 4.96 28.87
N LYS E 61 -2.84 3.88 28.19
CA LYS E 61 -2.22 3.99 26.88
C LYS E 61 -3.16 3.44 25.81
N ALA E 62 -3.66 4.34 24.97
CA ALA E 62 -4.58 3.93 23.90
C ALA E 62 -3.79 3.37 22.73
N GLY E 63 -4.02 2.09 22.42
CA GLY E 63 -3.28 1.42 21.37
C GLY E 63 -4.10 1.26 20.10
N ILE E 64 -5.43 1.34 20.22
CA ILE E 64 -6.30 1.24 19.07
C ILE E 64 -7.38 2.30 19.08
N LEU E 65 -7.49 3.01 17.95
CA LEU E 65 -8.60 3.92 17.73
C LEU E 65 -8.88 3.95 16.24
N VAL E 66 -10.00 3.35 15.83
CA VAL E 66 -10.39 3.31 14.43
C VAL E 66 -11.90 3.32 14.27
N VAL E 67 -12.37 4.03 13.25
CA VAL E 67 -13.75 3.86 12.82
C VAL E 67 -13.70 3.28 11.40
N GLU E 68 -14.26 2.08 11.26
CA GLU E 68 -14.25 1.41 9.96
C GLU E 68 -15.56 1.68 9.25
N ARG E 69 -16.00 0.75 8.39
CA ARG E 69 -17.17 0.98 7.55
C ARG E 69 -18.39 1.37 8.36
N GLN E 70 -18.67 0.63 9.43
CA GLN E 70 -19.82 0.95 10.28
C GLN E 70 -19.49 1.05 11.77
N PHE E 71 -18.42 0.40 12.23
CA PHE E 71 -18.17 0.32 13.66
C PHE E 71 -16.96 1.13 14.14
N GLY E 72 -16.93 1.42 15.43
CA GLY E 72 -15.87 2.22 16.01
C GLY E 72 -15.21 1.48 17.15
N TYR E 73 -13.88 1.60 17.24
CA TYR E 73 -13.10 0.76 18.14
C TYR E 73 -12.12 1.58 18.97
N LEU E 74 -12.10 1.30 20.27
CA LEU E 74 -11.12 1.88 21.16
C LEU E 74 -10.49 0.78 21.98
N GLU E 75 -9.16 0.83 22.13
CA GLU E 75 -8.50 -0.03 23.09
C GLU E 75 -7.48 0.78 23.88
N PHE E 76 -7.45 0.55 25.19
CA PHE E 76 -6.40 1.14 26.02
C PHE E 76 -5.95 0.15 27.08
N HIS E 77 -4.67 0.22 27.41
CA HIS E 77 -4.08 -0.69 28.37
C HIS E 77 -3.28 0.09 29.40
N GLY E 78 -2.80 -0.61 30.41
CA GLY E 78 -2.03 0.00 31.47
C GLY E 78 -2.25 -0.77 32.76
N GLU E 79 -1.96 -0.11 33.88
CA GLU E 79 -2.17 -0.72 35.18
C GLU E 79 -3.66 -0.97 35.39
N THR E 80 -3.97 -2.07 36.08
CA THR E 80 -5.35 -2.53 36.27
C THR E 80 -6.30 -1.47 36.80
N GLY E 81 -5.86 -0.72 37.82
CA GLY E 81 -6.67 0.33 38.41
C GLY E 81 -6.98 1.47 37.45
N ALA E 82 -5.96 1.91 36.70
CA ALA E 82 -6.15 3.00 35.75
C ALA E 82 -7.09 2.56 34.62
N VAL E 83 -6.90 1.35 34.12
CA VAL E 83 -7.72 0.81 33.04
C VAL E 83 -9.19 0.75 33.45
N LYS E 84 -9.46 0.24 34.65
CA LYS E 84 -10.84 0.13 35.13
C LYS E 84 -11.46 1.51 35.36
N ALA E 85 -10.66 2.47 35.82
CA ALA E 85 -11.15 3.83 36.02
C ALA E 85 -11.60 4.45 34.70
N ALA E 86 -10.74 4.36 33.69
CA ALA E 86 -11.06 4.87 32.36
C ALA E 86 -12.28 4.15 31.77
N ALA E 87 -12.36 2.84 32.01
CA ALA E 87 -13.45 2.05 31.47
C ALA E 87 -14.78 2.48 32.07
N ASP E 88 -14.80 2.67 33.38
CA ASP E 88 -16.01 3.07 34.10
C ASP E 88 -16.54 4.40 33.59
N ALA E 89 -15.64 5.34 33.36
CA ALA E 89 -16.01 6.65 32.84
C ALA E 89 -16.56 6.49 31.44
N ALA E 90 -15.91 5.64 30.65
CA ALA E 90 -16.39 5.29 29.32
C ALA E 90 -17.77 4.69 29.42
N LEU E 91 -17.94 3.76 30.37
CA LEU E 91 -19.22 3.09 30.55
C LEU E 91 -20.30 4.09 30.96
N ASP E 92 -19.94 5.00 31.86
CA ASP E 92 -20.85 6.05 32.31
C ASP E 92 -21.33 6.90 31.14
N TYR E 93 -20.40 7.21 30.24
CA TYR E 93 -20.69 8.01 29.06
C TYR E 93 -21.64 7.31 28.08
N LEU E 94 -21.55 5.98 28.01
CA LEU E 94 -22.38 5.21 27.09
C LEU E 94 -23.78 4.92 27.65
N GLY E 95 -23.87 4.69 28.96
CA GLY E 95 -25.15 4.36 29.57
C GLY E 95 -25.04 3.65 30.91
N GLY E 96 -23.84 3.20 31.24
CA GLY E 96 -23.59 2.61 32.54
C GLY E 96 -23.96 1.14 32.68
N ASP E 97 -24.30 0.51 31.57
CA ASP E 97 -24.65 -0.92 31.59
C ASP E 97 -23.61 -1.74 30.83
N PRO E 98 -22.74 -2.44 31.57
CA PRO E 98 -21.71 -3.27 30.94
C PRO E 98 -22.29 -4.48 30.23
N ASP E 99 -23.44 -4.95 30.72
CA ASP E 99 -24.11 -6.13 30.21
C ASP E 99 -24.99 -5.80 29.00
N ALA E 100 -24.99 -4.53 28.60
CA ALA E 100 -25.77 -4.10 27.45
C ALA E 100 -24.98 -4.36 26.16
N ALA E 101 -23.75 -4.83 26.31
CA ALA E 101 -22.92 -5.16 25.17
C ALA E 101 -23.47 -6.37 24.42
N VAL E 102 -23.46 -6.30 23.09
CA VAL E 102 -23.86 -7.42 22.27
C VAL E 102 -23.05 -8.65 22.64
N ARG E 103 -23.72 -9.79 22.78
CA ARG E 103 -23.05 -11.05 23.10
C ARG E 103 -22.27 -11.57 21.88
N PRO E 104 -21.06 -12.07 22.12
CA PRO E 104 -20.27 -12.61 21.00
C PRO E 104 -20.91 -13.87 20.43
N GLU E 105 -20.91 -13.97 19.10
CA GLU E 105 -21.38 -15.18 18.44
C GLU E 105 -20.24 -15.81 17.65
N ILE E 106 -20.01 -17.09 17.86
CA ILE E 106 -19.02 -17.82 17.09
C ILE E 106 -19.61 -18.26 15.76
N LEU E 107 -19.24 -17.56 14.68
CA LEU E 107 -19.78 -17.87 13.36
C LEU E 107 -19.16 -19.13 12.79
N ALA E 108 -17.89 -19.33 13.08
CA ALA E 108 -17.17 -20.51 12.60
C ALA E 108 -15.94 -20.77 13.45
N SER E 109 -15.63 -22.05 13.66
CA SER E 109 -14.40 -22.43 14.35
C SER E 109 -13.97 -23.83 13.91
N ARG E 110 -12.68 -24.01 13.72
CA ARG E 110 -12.20 -25.28 13.20
C ARG E 110 -10.73 -25.55 13.50
N ILE E 111 -10.42 -26.80 13.86
CA ILE E 111 -9.04 -27.24 13.95
C ILE E 111 -8.64 -27.97 12.67
N ILE E 112 -7.63 -27.45 11.98
CA ILE E 112 -7.09 -28.11 10.80
C ILE E 112 -5.75 -28.74 11.16
N SER E 113 -5.72 -30.07 11.16
CA SER E 113 -4.65 -30.84 11.81
C SER E 113 -3.27 -30.68 11.17
N SER E 114 -3.21 -30.61 9.86
CA SER E 114 -1.93 -30.65 9.18
C SER E 114 -2.03 -29.91 7.86
N ILE E 115 -1.79 -28.61 7.91
CA ILE E 115 -1.99 -27.72 6.75
C ILE E 115 -1.22 -28.20 5.52
N ASP E 116 -1.95 -28.32 4.41
CA ASP E 116 -1.37 -28.61 3.11
C ASP E 116 -0.38 -27.52 2.71
N HIS E 117 0.61 -27.91 1.91
CA HIS E 117 1.68 -27.02 1.47
C HIS E 117 1.17 -25.74 0.83
N GLN E 118 0.26 -25.84 -0.14
CA GLN E 118 -0.17 -24.62 -0.80
C GLN E 118 -1.18 -23.86 0.05
N HIS E 119 -1.84 -24.56 0.97
CA HIS E 119 -2.75 -23.90 1.89
C HIS E 119 -1.96 -22.93 2.79
N ALA E 120 -0.78 -23.35 3.20
CA ALA E 120 0.08 -22.49 4.03
C ALA E 120 0.53 -21.25 3.25
N PHE E 121 0.90 -21.44 1.99
CA PHE E 121 1.19 -20.34 1.07
C PHE E 121 0.07 -19.31 1.07
N LEU E 122 -1.14 -19.78 0.80
CA LEU E 122 -2.30 -18.91 0.66
C LEU E 122 -2.60 -18.15 1.95
N ILE E 123 -2.49 -18.83 3.08
CA ILE E 123 -2.67 -18.19 4.38
C ILE E 123 -1.59 -17.13 4.64
N ASN E 124 -0.34 -17.49 4.36
CA ASN E 124 0.78 -16.59 4.60
C ASN E 124 0.72 -15.31 3.76
N ARG E 125 0.07 -15.40 2.61
CA ARG E 125 -0.06 -14.26 1.73
C ARG E 125 -1.26 -13.40 2.10
N ASN E 126 -2.03 -13.86 3.07
CA ASN E 126 -3.22 -13.16 3.55
C ASN E 126 -3.08 -12.56 4.93
N LYS E 127 -2.15 -13.10 5.73
CA LYS E 127 -2.16 -12.86 7.17
C LYS E 127 -1.39 -11.63 7.64
N ILE E 128 -1.70 -11.22 8.87
CA ILE E 128 -0.88 -10.26 9.61
C ILE E 128 -0.51 -10.95 10.92
N GLY E 129 0.73 -11.42 11.01
CA GLY E 129 1.15 -12.23 12.13
C GLY E 129 2.33 -13.09 11.73
N SER E 130 2.58 -14.15 12.49
CA SER E 130 3.74 -14.99 12.23
C SER E 130 3.51 -15.93 11.05
N MET E 131 4.60 -16.28 10.39
CA MET E 131 4.60 -17.20 9.26
C MET E 131 4.14 -18.61 9.67
N VAL E 132 3.20 -19.19 8.92
CA VAL E 132 2.78 -20.55 9.19
C VAL E 132 3.53 -21.51 8.24
N LEU E 133 3.91 -22.68 8.73
CA LEU E 133 4.68 -23.63 7.92
C LEU E 133 3.82 -24.84 7.55
N PRO E 134 4.08 -25.42 6.37
CA PRO E 134 3.39 -26.65 5.97
C PRO E 134 3.52 -27.73 7.05
N GLY E 135 2.44 -28.46 7.31
CA GLY E 135 2.47 -29.51 8.31
C GLY E 135 1.99 -29.08 9.68
N GLU E 136 2.09 -27.79 9.98
CA GLU E 136 1.61 -27.29 11.26
C GLU E 136 0.09 -27.45 11.36
N SER E 137 -0.41 -27.57 12.58
CA SER E 137 -1.84 -27.57 12.81
C SER E 137 -2.33 -26.15 12.93
N LEU E 138 -3.63 -25.97 12.74
CA LEU E 138 -4.20 -24.63 12.68
C LEU E 138 -5.58 -24.61 13.33
N PHE E 139 -5.81 -23.59 14.15
CA PHE E 139 -7.15 -23.32 14.65
C PHE E 139 -7.62 -22.00 14.06
N VAL E 140 -8.80 -22.02 13.46
CA VAL E 140 -9.39 -20.81 12.92
C VAL E 140 -10.70 -20.55 13.65
N LEU E 141 -11.00 -19.26 13.88
CA LEU E 141 -12.20 -18.87 14.58
C LEU E 141 -12.70 -17.53 14.04
N GLU E 142 -13.99 -17.46 13.78
CA GLU E 142 -14.62 -16.22 13.33
C GLU E 142 -15.72 -15.84 14.32
N VAL E 143 -15.78 -14.57 14.71
CA VAL E 143 -16.69 -14.14 15.76
C VAL E 143 -17.27 -12.74 15.46
N ALA E 144 -18.54 -12.55 15.78
CA ALA E 144 -19.17 -11.24 15.67
C ALA E 144 -19.86 -10.90 17.00
N PRO E 145 -19.69 -9.66 17.49
CA PRO E 145 -18.88 -8.54 16.98
C PRO E 145 -17.39 -8.87 16.86
N ALA E 146 -16.69 -8.14 16.00
CA ALA E 146 -15.31 -8.46 15.65
C ALA E 146 -14.33 -8.31 16.80
N SER E 147 -14.58 -7.34 17.68
CA SER E 147 -13.59 -6.99 18.70
C SER E 147 -13.39 -8.12 19.71
N TYR E 148 -14.36 -9.02 19.80
CA TYR E 148 -14.24 -10.17 20.70
C TYR E 148 -13.11 -11.12 20.31
N ALA E 149 -12.57 -10.96 19.11
CA ALA E 149 -11.45 -11.78 18.67
C ALA E 149 -10.24 -11.62 19.58
N ILE E 150 -10.08 -10.44 20.15
CA ILE E 150 -8.93 -10.18 21.03
C ILE E 150 -9.04 -10.96 22.34
N LEU E 151 -10.26 -11.23 22.78
CA LEU E 151 -10.46 -11.95 24.02
C LEU E 151 -10.18 -13.44 23.78
N ALA E 152 -10.70 -13.97 22.68
CA ALA E 152 -10.47 -15.35 22.32
C ALA E 152 -9.00 -15.62 22.07
N THR E 153 -8.33 -14.66 21.45
CA THR E 153 -6.91 -14.80 21.12
C THR E 153 -6.01 -14.71 22.35
N ASN E 154 -6.31 -13.76 23.23
CA ASN E 154 -5.52 -13.59 24.44
C ASN E 154 -5.64 -14.81 25.35
N GLU E 155 -6.85 -15.34 25.44
CA GLU E 155 -7.10 -16.51 26.28
C GLU E 155 -6.45 -17.75 25.69
N ALA E 156 -6.47 -17.87 24.37
CA ALA E 156 -5.80 -18.99 23.71
C ALA E 156 -4.31 -18.95 23.99
N GLU E 157 -3.73 -17.76 23.85
CA GLU E 157 -2.29 -17.58 24.04
C GLU E 157 -1.81 -17.89 25.45
N LYS E 158 -2.60 -17.54 26.47
CA LYS E 158 -2.15 -17.82 27.82
C LYS E 158 -2.32 -19.31 28.15
N ALA E 159 -3.08 -20.03 27.35
CA ALA E 159 -3.37 -21.44 27.65
C ALA E 159 -2.48 -22.42 26.88
N ALA E 160 -1.83 -21.96 25.81
CA ALA E 160 -1.04 -22.88 24.99
C ALA E 160 0.08 -22.17 24.26
N ASP E 161 1.06 -22.96 23.82
CA ASP E 161 2.19 -22.44 23.08
C ASP E 161 1.88 -22.42 21.59
N VAL E 162 1.04 -21.47 21.18
CA VAL E 162 0.68 -21.33 19.79
C VAL E 162 1.19 -20.02 19.21
N LYS E 163 1.30 -20.01 17.88
CA LYS E 163 1.67 -18.81 17.14
C LYS E 163 0.42 -18.13 16.60
N VAL E 164 0.34 -16.81 16.79
CA VAL E 164 -0.73 -16.05 16.17
C VAL E 164 -0.35 -15.78 14.71
N VAL E 165 -0.97 -16.52 13.80
CA VAL E 165 -0.67 -16.39 12.37
C VAL E 165 -1.43 -15.22 11.78
N ASP E 166 -2.70 -15.09 12.14
CA ASP E 166 -3.50 -13.98 11.65
C ASP E 166 -4.49 -13.55 12.72
N PHE E 167 -4.80 -12.26 12.74
CA PHE E 167 -5.67 -11.70 13.76
C PHE E 167 -6.33 -10.45 13.22
N ARG E 168 -7.66 -10.43 13.23
CA ARG E 168 -8.42 -9.26 12.83
C ARG E 168 -9.50 -9.04 13.88
N MET E 169 -9.55 -7.86 14.48
CA MET E 169 -10.56 -7.59 15.49
C MET E 169 -11.43 -6.42 15.08
N ILE E 170 -11.27 -5.99 13.83
CA ILE E 170 -11.99 -4.85 13.27
C ILE E 170 -12.72 -5.24 12.00
N GLY E 171 -14.02 -4.97 11.93
CA GLY E 171 -14.81 -5.28 10.77
C GLY E 171 -16.17 -5.83 11.17
N ALA E 172 -16.85 -6.47 10.23
CA ALA E 172 -18.14 -7.08 10.52
C ALA E 172 -17.96 -8.30 11.42
N THR E 173 -16.86 -9.02 11.21
CA THR E 173 -16.53 -10.19 12.01
C THR E 173 -15.03 -10.20 12.31
N GLY E 174 -14.66 -10.75 13.46
CA GLY E 174 -13.26 -10.87 13.84
C GLY E 174 -12.74 -12.26 13.53
N ARG E 175 -11.43 -12.36 13.31
CA ARG E 175 -10.83 -13.63 12.91
C ARG E 175 -9.51 -13.87 13.61
N VAL E 176 -9.25 -15.12 13.96
CA VAL E 176 -7.98 -15.49 14.55
C VAL E 176 -7.51 -16.82 13.97
N TYR E 177 -6.24 -16.84 13.56
CA TYR E 177 -5.57 -18.05 13.08
C TYR E 177 -4.45 -18.39 14.03
N LEU E 178 -4.51 -19.58 14.62
CA LEU E 178 -3.44 -20.02 15.53
C LEU E 178 -2.78 -21.28 14.98
N SER E 179 -1.45 -21.33 15.01
CA SER E 179 -0.74 -22.52 14.57
C SER E 179 0.20 -23.06 15.63
N GLY E 180 0.60 -24.32 15.45
CA GLY E 180 1.51 -24.99 16.36
C GLY E 180 1.32 -26.49 16.21
N THR E 181 1.79 -27.24 17.20
CA THR E 181 1.54 -28.68 17.23
C THR E 181 0.05 -28.93 17.42
N GLU E 182 -0.40 -30.15 17.13
CA GLU E 182 -1.81 -30.48 17.29
C GLU E 182 -2.26 -30.31 18.74
N ALA E 183 -1.41 -30.75 19.68
CA ALA E 183 -1.73 -30.65 21.10
C ALA E 183 -1.93 -29.20 21.54
N ASP E 184 -1.00 -28.33 21.15
CA ASP E 184 -1.07 -26.94 21.53
C ASP E 184 -2.29 -26.25 20.93
N VAL E 185 -2.53 -26.50 19.65
CA VAL E 185 -3.65 -25.88 18.94
C VAL E 185 -5.00 -26.31 19.51
N ARG E 186 -5.13 -27.59 19.87
CA ARG E 186 -6.36 -28.08 20.48
C ARG E 186 -6.64 -27.46 21.86
N GLN E 187 -5.59 -27.25 22.65
CA GLN E 187 -5.75 -26.58 23.93
C GLN E 187 -6.12 -25.11 23.74
N ALA E 188 -5.49 -24.46 22.77
CA ALA E 188 -5.79 -23.06 22.49
C ALA E 188 -7.23 -22.92 22.03
N ALA E 189 -7.69 -23.89 21.25
CA ALA E 189 -9.06 -23.89 20.73
C ALA E 189 -10.08 -23.96 21.86
N ASP E 190 -9.88 -24.88 22.79
CA ASP E 190 -10.77 -25.03 23.95
C ASP E 190 -10.82 -23.75 24.77
N ALA E 191 -9.65 -23.13 24.95
CA ALA E 191 -9.58 -21.89 25.74
C ALA E 191 -10.25 -20.72 25.02
N ALA E 192 -10.06 -20.62 23.70
CA ALA E 192 -10.66 -19.53 22.94
C ALA E 192 -12.19 -19.67 22.90
N ARG E 193 -12.67 -20.91 22.74
CA ARG E 193 -14.09 -21.19 22.68
C ARG E 193 -14.76 -20.96 24.03
N ASP E 194 -14.11 -21.41 25.10
CA ASP E 194 -14.66 -21.24 26.44
C ASP E 194 -14.61 -19.77 26.88
N ALA E 195 -13.69 -19.01 26.30
CA ALA E 195 -13.59 -17.58 26.62
C ALA E 195 -14.81 -16.83 26.08
N LEU E 196 -15.26 -17.24 24.91
CA LEU E 196 -16.44 -16.63 24.30
C LEU E 196 -17.71 -17.28 24.87
N ALA E 197 -17.53 -18.37 25.61
CA ALA E 197 -18.65 -19.07 26.21
C ALA E 197 -18.96 -18.54 27.60
N VAL E 198 -17.93 -18.07 28.30
CA VAL E 198 -18.09 -17.44 29.60
C VAL E 198 -19.04 -16.25 29.49
N LEU E 199 -18.95 -15.54 28.37
CA LEU E 199 -19.83 -14.41 28.12
C LEU E 199 -21.19 -14.88 27.61
N ALA F 2 -25.10 -20.14 8.06
CA ALA F 2 -24.23 -20.78 7.08
C ALA F 2 -24.93 -20.94 5.75
N GLU F 3 -24.23 -20.66 4.66
CA GLU F 3 -24.83 -20.77 3.34
C GLU F 3 -23.80 -20.93 2.22
N LEU F 4 -24.14 -21.78 1.27
CA LEU F 4 -23.38 -21.91 0.04
C LEU F 4 -23.88 -20.86 -0.95
N ARG F 5 -23.02 -19.90 -1.27
CA ARG F 5 -23.45 -18.78 -2.10
C ARG F 5 -23.20 -19.05 -3.58
N SER F 6 -22.22 -19.90 -3.87
CA SER F 6 -21.98 -20.34 -5.24
C SER F 6 -21.13 -21.60 -5.26
N PHE F 7 -21.32 -22.38 -6.32
CA PHE F 7 -20.57 -23.60 -6.55
C PHE F 7 -20.42 -23.72 -8.06
N ILE F 8 -19.41 -23.06 -8.59
CA ILE F 8 -19.28 -22.87 -10.04
C ILE F 8 -18.18 -23.73 -10.65
N PHE F 9 -18.55 -24.54 -11.63
CA PHE F 9 -17.55 -25.24 -12.40
C PHE F 9 -17.37 -24.56 -13.75
N ILE F 10 -16.13 -24.29 -14.09
CA ILE F 10 -15.79 -23.73 -15.40
C ILE F 10 -14.92 -24.73 -16.16
N ASP F 11 -15.43 -25.23 -17.28
CA ASP F 11 -14.73 -26.25 -18.04
C ASP F 11 -13.42 -25.73 -18.64
N ARG F 12 -13.46 -24.51 -19.16
CA ARG F 12 -12.30 -23.91 -19.80
C ARG F 12 -12.27 -22.41 -19.58
N LEU F 13 -11.16 -21.92 -19.04
CA LEU F 13 -10.99 -20.50 -18.81
C LEU F 13 -10.50 -19.79 -20.06
N GLN F 14 -11.22 -18.76 -20.47
CA GLN F 14 -10.87 -18.02 -21.68
C GLN F 14 -9.67 -17.11 -21.41
N PRO F 15 -8.84 -16.88 -22.44
CA PRO F 15 -7.59 -16.08 -22.36
C PRO F 15 -7.70 -14.79 -21.55
N GLN F 16 -8.65 -13.93 -21.88
CA GLN F 16 -8.75 -12.63 -21.23
C GLN F 16 -9.24 -12.77 -19.79
N THR F 17 -10.17 -13.69 -19.57
CA THR F 17 -10.63 -13.98 -18.23
C THR F 17 -9.47 -14.50 -17.40
N MET F 18 -8.68 -15.38 -18.01
CA MET F 18 -7.52 -15.95 -17.34
C MET F 18 -6.48 -14.88 -17.05
N SER F 19 -6.17 -14.07 -18.06
CA SER F 19 -5.16 -13.02 -17.92
C SER F 19 -5.57 -12.01 -16.86
N TYR F 20 -6.86 -11.69 -16.79
CA TYR F 20 -7.32 -10.73 -15.79
C TYR F 20 -7.17 -11.30 -14.38
N LEU F 21 -7.52 -12.57 -14.19
CA LEU F 21 -7.33 -13.20 -12.88
C LEU F 21 -5.89 -13.10 -12.42
N GLY F 22 -4.98 -13.32 -13.36
CA GLY F 22 -3.56 -13.28 -13.08
C GLY F 22 -3.08 -11.92 -12.60
N THR F 23 -3.88 -10.90 -12.85
CA THR F 23 -3.53 -9.55 -12.44
C THR F 23 -3.63 -9.33 -10.93
N TRP F 24 -4.43 -10.14 -10.22
CA TRP F 24 -4.62 -9.90 -8.79
C TRP F 24 -4.59 -11.13 -7.87
N ILE F 25 -4.86 -12.32 -8.39
CA ILE F 25 -4.99 -13.48 -7.51
C ILE F 25 -3.65 -13.84 -6.86
N LYS F 26 -3.69 -14.29 -5.61
CA LYS F 26 -2.47 -14.52 -4.85
C LYS F 26 -1.98 -15.96 -4.95
N GLY F 27 -2.78 -16.83 -5.57
CA GLY F 27 -2.40 -18.23 -5.70
C GLY F 27 -1.74 -18.54 -7.03
N ALA F 28 -1.97 -19.75 -7.53
CA ALA F 28 -1.42 -20.18 -8.81
C ALA F 28 -2.27 -19.72 -9.99
N LEU F 29 -1.61 -19.22 -11.03
CA LEU F 29 -2.31 -18.83 -12.26
C LEU F 29 -2.81 -20.06 -13.00
N PRO F 30 -4.08 -20.04 -13.41
CA PRO F 30 -4.57 -21.15 -14.23
C PRO F 30 -4.04 -21.07 -15.67
N ARG F 31 -3.72 -22.21 -16.27
CA ARG F 31 -3.32 -22.22 -17.69
C ARG F 31 -4.55 -22.20 -18.58
N ALA F 32 -4.37 -21.74 -19.81
CA ALA F 32 -5.45 -21.70 -20.79
C ALA F 32 -6.16 -23.05 -20.94
N ASN F 33 -7.48 -23.00 -20.81
CA ASN F 33 -8.37 -24.14 -20.93
C ASN F 33 -8.23 -25.22 -19.85
N MET F 34 -7.75 -24.82 -18.67
CA MET F 34 -7.87 -25.68 -17.49
C MET F 34 -9.28 -25.56 -16.96
N ALA F 35 -9.81 -26.66 -16.42
CA ALA F 35 -11.04 -26.61 -15.66
C ALA F 35 -10.78 -25.81 -14.38
N ALA F 36 -11.82 -25.17 -13.85
CA ALA F 36 -11.69 -24.46 -12.59
C ALA F 36 -12.97 -24.58 -11.81
N GLN F 37 -12.85 -24.57 -10.49
CA GLN F 37 -14.00 -24.55 -9.60
C GLN F 37 -13.95 -23.30 -8.72
N ILE F 38 -15.10 -22.67 -8.52
CA ILE F 38 -15.19 -21.53 -7.62
C ILE F 38 -16.24 -21.82 -6.56
N ILE F 39 -15.91 -21.56 -5.31
CA ILE F 39 -16.83 -21.77 -4.20
C ILE F 39 -16.89 -20.53 -3.31
N GLU F 40 -18.10 -19.99 -3.14
CA GLU F 40 -18.30 -18.88 -2.22
C GLU F 40 -19.19 -19.33 -1.08
N VAL F 41 -18.89 -18.87 0.13
CA VAL F 41 -19.60 -19.33 1.32
C VAL F 41 -19.78 -18.22 2.35
N ALA F 42 -20.75 -18.41 3.24
CA ALA F 42 -20.89 -17.61 4.44
C ALA F 42 -21.19 -18.58 5.59
N PRO F 43 -20.59 -18.35 6.77
CA PRO F 43 -19.65 -17.27 7.08
C PRO F 43 -18.33 -17.46 6.37
N GLY F 44 -17.60 -16.37 6.17
CA GLY F 44 -16.40 -16.39 5.36
C GLY F 44 -15.37 -17.42 5.79
N LEU F 45 -15.15 -17.56 7.09
CA LEU F 45 -14.06 -18.41 7.57
C LEU F 45 -14.30 -19.90 7.31
N ASP F 46 -15.55 -20.27 7.01
CA ASP F 46 -15.87 -21.65 6.65
C ASP F 46 -15.04 -22.14 5.46
N ILE F 47 -14.63 -21.21 4.60
CA ILE F 47 -13.88 -21.55 3.39
C ILE F 47 -12.51 -22.16 3.69
N GLU F 48 -12.02 -21.99 4.92
CA GLU F 48 -10.73 -22.56 5.27
C GLU F 48 -10.84 -24.08 5.37
N GLY F 49 -11.94 -24.55 5.96
CA GLY F 49 -12.21 -25.98 6.04
C GLY F 49 -12.44 -26.58 4.66
N VAL F 50 -13.22 -25.88 3.83
CA VAL F 50 -13.46 -26.30 2.46
C VAL F 50 -12.15 -26.45 1.70
N THR F 51 -11.26 -25.48 1.87
CA THR F 51 -9.98 -25.46 1.18
C THR F 51 -9.13 -26.67 1.58
N ASP F 52 -9.13 -26.96 2.88
CA ASP F 52 -8.36 -28.07 3.41
C ASP F 52 -8.82 -29.41 2.84
N VAL F 53 -10.12 -29.61 2.76
CA VAL F 53 -10.67 -30.85 2.21
C VAL F 53 -10.40 -30.93 0.72
N ALA F 54 -10.53 -29.81 0.03
CA ALA F 54 -10.40 -29.77 -1.42
C ALA F 54 -8.99 -30.11 -1.87
N LEU F 55 -8.01 -29.45 -1.26
CA LEU F 55 -6.62 -29.62 -1.65
C LEU F 55 -6.07 -30.99 -1.26
N LYS F 56 -6.70 -31.63 -0.30
CA LYS F 56 -6.24 -32.94 0.18
C LYS F 56 -6.93 -34.13 -0.48
N HIS F 57 -7.95 -33.90 -1.29
CA HIS F 57 -8.63 -35.01 -1.94
C HIS F 57 -8.16 -35.23 -3.37
N ALA F 58 -7.58 -34.21 -3.98
CA ALA F 58 -7.08 -34.34 -5.34
C ALA F 58 -5.88 -33.43 -5.58
N GLU F 59 -5.23 -33.61 -6.73
CA GLU F 59 -4.12 -32.75 -7.12
C GLU F 59 -4.62 -31.55 -7.91
N VAL F 60 -4.97 -30.49 -7.20
CA VAL F 60 -5.44 -29.26 -7.83
C VAL F 60 -4.58 -28.09 -7.40
N LYS F 61 -4.68 -26.99 -8.14
CA LYS F 61 -3.93 -25.78 -7.82
C LYS F 61 -4.87 -24.64 -7.43
N ALA F 62 -4.74 -24.15 -6.21
CA ALA F 62 -5.62 -23.07 -5.75
C ALA F 62 -5.11 -21.72 -6.21
N GLY F 63 -5.99 -20.95 -6.86
CA GLY F 63 -5.62 -19.63 -7.31
C GLY F 63 -6.11 -18.55 -6.35
N ILE F 64 -7.25 -18.81 -5.73
CA ILE F 64 -7.85 -17.84 -4.82
C ILE F 64 -8.23 -18.45 -3.48
N LEU F 65 -7.77 -17.80 -2.42
CA LEU F 65 -8.27 -18.07 -1.08
C LEU F 65 -8.50 -16.73 -0.38
N VAL F 66 -9.75 -16.31 -0.28
CA VAL F 66 -10.07 -14.99 0.25
C VAL F 66 -11.18 -15.03 1.28
N VAL F 67 -10.90 -14.43 2.45
CA VAL F 67 -11.94 -14.14 3.43
C VAL F 67 -12.11 -12.64 3.52
N GLU F 68 -13.11 -12.11 2.84
CA GLU F 68 -13.39 -10.68 2.81
C GLU F 68 -14.29 -10.27 3.99
N ARG F 69 -14.96 -9.12 3.87
CA ARG F 69 -15.72 -8.58 4.99
C ARG F 69 -16.77 -9.57 5.53
N GLN F 70 -17.41 -10.32 4.64
CA GLN F 70 -18.45 -11.25 5.06
C GLN F 70 -18.32 -12.64 4.47
N PHE F 71 -17.81 -12.73 3.24
CA PHE F 71 -17.84 -14.01 2.54
C PHE F 71 -16.46 -14.57 2.30
N GLY F 72 -16.41 -15.89 2.09
CA GLY F 72 -15.17 -16.60 1.86
C GLY F 72 -15.18 -17.16 0.47
N TYR F 73 -14.01 -17.18 -0.17
CA TYR F 73 -13.91 -17.60 -1.57
C TYR F 73 -12.76 -18.55 -1.77
N LEU F 74 -13.01 -19.60 -2.53
CA LEU F 74 -11.98 -20.53 -2.93
C LEU F 74 -12.08 -20.77 -4.43
N GLU F 75 -10.93 -20.76 -5.10
CA GLU F 75 -10.88 -21.20 -6.48
C GLU F 75 -9.68 -22.12 -6.61
N PHE F 76 -9.88 -23.22 -7.33
CA PHE F 76 -8.78 -24.09 -7.69
C PHE F 76 -8.99 -24.57 -9.11
N HIS F 77 -7.90 -24.88 -9.78
CA HIS F 77 -7.95 -25.34 -11.16
C HIS F 77 -7.04 -26.55 -11.33
N GLY F 78 -7.28 -27.33 -12.38
CA GLY F 78 -6.44 -28.46 -12.69
C GLY F 78 -6.99 -29.21 -13.87
N GLU F 79 -6.57 -30.47 -14.03
CA GLU F 79 -7.17 -31.31 -15.04
C GLU F 79 -8.62 -31.47 -14.62
N THR F 80 -9.52 -31.57 -15.58
CA THR F 80 -10.96 -31.63 -15.30
C THR F 80 -11.29 -32.67 -14.24
N GLY F 81 -10.69 -33.85 -14.36
CA GLY F 81 -10.92 -34.94 -13.43
C GLY F 81 -10.54 -34.57 -12.00
N ALA F 82 -9.31 -34.08 -11.81
CA ALA F 82 -8.85 -33.69 -10.50
C ALA F 82 -9.74 -32.61 -9.88
N VAL F 83 -10.12 -31.63 -10.68
CA VAL F 83 -10.97 -30.53 -10.20
C VAL F 83 -12.31 -31.02 -9.71
N LYS F 84 -12.94 -31.87 -10.51
CA LYS F 84 -14.24 -32.44 -10.18
C LYS F 84 -14.19 -33.26 -8.90
N ALA F 85 -13.09 -33.99 -8.72
CA ALA F 85 -12.92 -34.81 -7.52
C ALA F 85 -12.74 -33.92 -6.29
N ALA F 86 -11.98 -32.84 -6.44
CA ALA F 86 -11.78 -31.90 -5.34
C ALA F 86 -13.09 -31.19 -5.01
N ALA F 87 -13.83 -30.83 -6.04
CA ALA F 87 -15.09 -30.10 -5.85
C ALA F 87 -16.16 -30.97 -5.22
N ASP F 88 -16.18 -32.26 -5.60
CA ASP F 88 -17.18 -33.17 -5.04
C ASP F 88 -16.88 -33.44 -3.58
N ALA F 89 -15.60 -33.49 -3.23
CA ALA F 89 -15.18 -33.64 -1.84
C ALA F 89 -15.62 -32.44 -1.02
N ALA F 90 -15.38 -31.25 -1.57
CA ALA F 90 -15.75 -30.01 -0.90
C ALA F 90 -17.26 -29.90 -0.76
N LEU F 91 -17.97 -30.34 -1.79
CA LEU F 91 -19.43 -30.30 -1.79
C LEU F 91 -19.98 -31.19 -0.68
N ASP F 92 -19.46 -32.40 -0.59
CA ASP F 92 -19.83 -33.34 0.46
C ASP F 92 -19.58 -32.73 1.84
N TYR F 93 -18.47 -32.00 1.96
CA TYR F 93 -18.14 -31.30 3.19
C TYR F 93 -19.12 -30.17 3.48
N LEU F 94 -19.76 -29.66 2.42
CA LEU F 94 -20.78 -28.63 2.59
C LEU F 94 -22.17 -29.25 2.56
N GLY F 95 -22.26 -30.49 3.03
CA GLY F 95 -23.52 -31.19 3.12
C GLY F 95 -23.89 -31.97 1.88
N GLY F 96 -23.62 -31.39 0.72
CA GLY F 96 -24.03 -31.97 -0.55
C GLY F 96 -24.95 -31.01 -1.26
N ASP F 97 -25.86 -31.55 -2.06
CA ASP F 97 -26.79 -30.76 -2.88
C ASP F 97 -26.11 -29.58 -3.57
N PRO F 98 -25.52 -29.84 -4.74
CA PRO F 98 -24.79 -28.85 -5.54
C PRO F 98 -25.69 -27.70 -6.03
N ASP F 99 -26.97 -27.76 -5.70
CA ASP F 99 -27.93 -26.74 -6.14
C ASP F 99 -28.56 -26.02 -4.96
N ALA F 100 -28.01 -26.24 -3.77
CA ALA F 100 -28.44 -25.49 -2.60
C ALA F 100 -27.80 -24.11 -2.61
N ALA F 101 -26.92 -23.90 -3.59
CA ALA F 101 -26.24 -22.63 -3.74
C ALA F 101 -27.24 -21.51 -4.00
N VAL F 102 -26.94 -20.34 -3.46
CA VAL F 102 -27.71 -19.13 -3.70
C VAL F 102 -27.72 -18.83 -5.19
N ARG F 103 -28.88 -18.48 -5.72
CA ARG F 103 -29.04 -18.23 -7.15
C ARG F 103 -28.61 -16.81 -7.50
N PRO F 104 -27.95 -16.64 -8.66
CA PRO F 104 -27.47 -15.34 -9.12
C PRO F 104 -28.61 -14.34 -9.26
N GLU F 105 -28.37 -13.10 -8.84
CA GLU F 105 -29.35 -12.05 -8.99
C GLU F 105 -28.70 -10.87 -9.71
N ILE F 106 -29.22 -10.53 -10.87
CA ILE F 106 -28.69 -9.40 -11.63
C ILE F 106 -29.22 -8.10 -11.04
N LEU F 107 -28.34 -7.34 -10.40
CA LEU F 107 -28.73 -6.08 -9.77
C LEU F 107 -28.73 -4.91 -10.75
N ALA F 108 -27.90 -5.02 -11.78
CA ALA F 108 -27.79 -3.99 -12.80
C ALA F 108 -27.24 -4.61 -14.07
N SER F 109 -27.75 -4.15 -15.21
CA SER F 109 -27.31 -4.67 -16.48
C SER F 109 -27.54 -3.63 -17.57
N ARG F 110 -26.46 -3.21 -18.22
CA ARG F 110 -26.57 -2.16 -19.22
C ARG F 110 -25.55 -2.26 -20.35
N ILE F 111 -26.02 -2.01 -21.57
CA ILE F 111 -25.14 -1.77 -22.70
C ILE F 111 -24.96 -0.27 -22.93
N ILE F 112 -23.75 0.22 -22.74
CA ILE F 112 -23.42 1.58 -23.14
C ILE F 112 -22.91 1.52 -24.58
N SER F 113 -23.64 2.14 -25.50
CA SER F 113 -23.43 1.91 -26.93
C SER F 113 -22.15 2.49 -27.50
N SER F 114 -21.85 3.75 -27.18
CA SER F 114 -20.63 4.39 -27.67
C SER F 114 -20.07 5.31 -26.60
N ILE F 115 -19.14 4.78 -25.82
CA ILE F 115 -18.60 5.51 -24.68
C ILE F 115 -17.81 6.73 -25.14
N ASP F 116 -17.99 7.85 -24.44
CA ASP F 116 -17.37 9.12 -24.79
C ASP F 116 -15.97 9.23 -24.15
N HIS F 117 -15.19 10.21 -24.59
CA HIS F 117 -13.78 10.33 -24.24
C HIS F 117 -13.46 10.27 -22.75
N GLN F 118 -13.98 11.20 -21.98
CA GLN F 118 -13.63 11.28 -20.57
C GLN F 118 -14.09 10.03 -19.82
N HIS F 119 -15.25 9.51 -20.18
CA HIS F 119 -15.75 8.30 -19.55
C HIS F 119 -14.76 7.16 -19.74
N ALA F 120 -14.18 7.09 -20.94
CA ALA F 120 -13.15 6.09 -21.24
C ALA F 120 -11.91 6.30 -20.38
N PHE F 121 -11.44 7.54 -20.31
CA PHE F 121 -10.29 7.89 -19.47
C PHE F 121 -10.51 7.47 -18.03
N LEU F 122 -11.69 7.81 -17.49
CA LEU F 122 -12.04 7.46 -16.11
C LEU F 122 -12.04 5.96 -15.87
N ILE F 123 -12.68 5.23 -16.77
CA ILE F 123 -12.75 3.78 -16.68
C ILE F 123 -11.36 3.17 -16.80
N ASN F 124 -10.54 3.76 -17.67
CA ASN F 124 -9.21 3.23 -17.93
C ASN F 124 -8.27 3.38 -16.74
N ARG F 125 -8.51 4.39 -15.91
CA ARG F 125 -7.63 4.60 -14.77
C ARG F 125 -8.12 3.80 -13.56
N ASN F 126 -9.34 3.27 -13.64
CA ASN F 126 -9.90 2.44 -12.58
C ASN F 126 -9.65 0.96 -12.80
N LYS F 127 -9.81 0.51 -14.05
CA LYS F 127 -9.65 -0.90 -14.40
C LYS F 127 -8.18 -1.31 -14.52
N ILE F 128 -7.91 -2.60 -14.34
CA ILE F 128 -6.56 -3.11 -14.50
C ILE F 128 -6.49 -4.16 -15.60
N GLY F 129 -7.53 -4.22 -16.43
CA GLY F 129 -7.60 -5.21 -17.48
C GLY F 129 -7.29 -4.61 -18.84
N SER F 130 -8.08 -5.00 -19.84
CA SER F 130 -7.88 -4.46 -21.17
C SER F 130 -8.48 -3.07 -21.24
N MET F 131 -7.86 -2.23 -22.06
CA MET F 131 -8.22 -0.81 -22.16
C MET F 131 -9.46 -0.61 -23.02
N VAL F 132 -10.34 0.29 -22.60
CA VAL F 132 -11.52 0.62 -23.39
C VAL F 132 -11.22 1.86 -24.24
N LEU F 133 -11.70 1.85 -25.47
CA LEU F 133 -11.44 2.95 -26.40
C LEU F 133 -12.70 3.77 -26.62
N PRO F 134 -12.55 5.10 -26.76
CA PRO F 134 -13.69 5.99 -27.02
C PRO F 134 -14.44 5.55 -28.28
N GLY F 135 -15.75 5.36 -28.17
CA GLY F 135 -16.55 4.96 -29.31
C GLY F 135 -17.00 3.51 -29.23
N GLU F 136 -16.26 2.71 -28.48
CA GLU F 136 -16.62 1.31 -28.26
C GLU F 136 -17.92 1.19 -27.48
N SER F 137 -18.51 0.00 -27.50
CA SER F 137 -19.64 -0.29 -26.61
C SER F 137 -19.14 -0.89 -25.30
N LEU F 138 -19.89 -0.65 -24.23
CA LEU F 138 -19.50 -1.17 -22.92
C LEU F 138 -20.65 -1.87 -22.23
N PHE F 139 -20.45 -3.14 -21.90
CA PHE F 139 -21.44 -3.89 -21.13
C PHE F 139 -21.07 -3.90 -19.65
N VAL F 140 -21.96 -3.34 -18.83
CA VAL F 140 -21.79 -3.39 -17.38
C VAL F 140 -22.84 -4.30 -16.77
N LEU F 141 -22.41 -5.17 -15.86
CA LEU F 141 -23.28 -6.18 -15.27
C LEU F 141 -22.92 -6.34 -13.80
N GLU F 142 -23.89 -6.16 -12.91
CA GLU F 142 -23.67 -6.35 -11.48
C GLU F 142 -24.49 -7.52 -10.95
N VAL F 143 -23.84 -8.44 -10.25
CA VAL F 143 -24.50 -9.66 -9.80
C VAL F 143 -24.19 -9.99 -8.34
N ALA F 144 -25.16 -10.60 -7.67
CA ALA F 144 -24.99 -11.10 -6.31
C ALA F 144 -25.55 -12.52 -6.22
N PRO F 145 -24.81 -13.45 -5.60
CA PRO F 145 -23.47 -13.31 -5.00
C PRO F 145 -22.36 -13.00 -6.00
N ALA F 146 -21.35 -12.27 -5.52
CA ALA F 146 -20.31 -11.68 -6.35
C ALA F 146 -19.54 -12.65 -7.23
N SER F 147 -19.33 -13.87 -6.74
CA SER F 147 -18.47 -14.83 -7.44
C SER F 147 -19.07 -15.31 -8.77
N TYR F 148 -20.34 -15.01 -9.03
CA TYR F 148 -20.94 -15.40 -10.31
C TYR F 148 -20.42 -14.55 -11.46
N ALA F 149 -19.66 -13.51 -11.15
CA ALA F 149 -19.08 -12.67 -12.18
C ALA F 149 -18.07 -13.45 -13.03
N ILE F 150 -17.42 -14.45 -12.42
CA ILE F 150 -16.46 -15.27 -13.15
C ILE F 150 -17.16 -16.10 -14.22
N LEU F 151 -18.37 -16.57 -13.92
CA LEU F 151 -19.12 -17.40 -14.86
C LEU F 151 -19.66 -16.55 -16.00
N ALA F 152 -20.18 -15.37 -15.66
CA ALA F 152 -20.71 -14.45 -16.65
C ALA F 152 -19.60 -13.97 -17.60
N THR F 153 -18.46 -13.59 -17.04
CA THR F 153 -17.35 -13.08 -17.83
C THR F 153 -16.81 -14.14 -18.79
N ASN F 154 -16.52 -15.32 -18.27
CA ASN F 154 -15.95 -16.39 -19.06
C ASN F 154 -16.86 -16.80 -20.21
N GLU F 155 -18.13 -16.99 -19.91
CA GLU F 155 -19.12 -17.37 -20.93
C GLU F 155 -19.31 -16.27 -21.97
N ALA F 156 -19.26 -15.01 -21.53
CA ALA F 156 -19.37 -13.89 -22.47
C ALA F 156 -18.18 -13.85 -23.41
N GLU F 157 -17.00 -14.17 -22.89
CA GLU F 157 -15.80 -14.18 -23.72
C GLU F 157 -15.84 -15.34 -24.72
N LYS F 158 -16.46 -16.44 -24.33
CA LYS F 158 -16.66 -17.57 -25.23
C LYS F 158 -17.52 -17.15 -26.41
N ALA F 159 -18.56 -16.37 -26.12
CA ALA F 159 -19.58 -16.04 -27.11
C ALA F 159 -19.12 -15.07 -28.18
N ALA F 160 -18.39 -14.04 -27.79
CA ALA F 160 -17.99 -13.01 -28.73
C ALA F 160 -16.60 -12.46 -28.45
N ASP F 161 -16.00 -11.87 -29.46
CA ASP F 161 -14.70 -11.23 -29.28
C ASP F 161 -14.88 -9.88 -28.60
N VAL F 162 -15.00 -9.92 -27.29
CA VAL F 162 -15.04 -8.69 -26.49
C VAL F 162 -13.78 -8.64 -25.65
N LYS F 163 -13.41 -7.44 -25.22
CA LYS F 163 -12.29 -7.28 -24.30
C LYS F 163 -12.79 -7.27 -22.86
N VAL F 164 -12.12 -8.03 -22.00
CA VAL F 164 -12.41 -7.99 -20.57
C VAL F 164 -11.72 -6.78 -19.98
N VAL F 165 -12.48 -5.70 -19.82
CA VAL F 165 -11.96 -4.46 -19.26
C VAL F 165 -11.72 -4.65 -17.76
N ASP F 166 -12.72 -5.19 -17.08
CA ASP F 166 -12.64 -5.38 -15.64
C ASP F 166 -13.72 -6.35 -15.18
N PHE F 167 -13.40 -7.21 -14.22
CA PHE F 167 -14.45 -7.92 -13.51
C PHE F 167 -14.04 -8.23 -12.07
N ARG F 168 -15.01 -8.18 -11.18
CA ARG F 168 -14.78 -8.35 -9.75
C ARG F 168 -15.70 -9.43 -9.22
N MET F 169 -15.11 -10.45 -8.60
CA MET F 169 -15.88 -11.61 -8.17
C MET F 169 -15.89 -11.76 -6.66
N ILE F 170 -15.43 -10.74 -5.96
CA ILE F 170 -15.33 -10.79 -4.51
C ILE F 170 -15.95 -9.55 -3.90
N GLY F 171 -16.88 -9.77 -2.97
CA GLY F 171 -17.52 -8.69 -2.25
C GLY F 171 -19.01 -8.93 -2.08
N ALA F 172 -19.76 -7.88 -1.75
CA ALA F 172 -21.20 -7.98 -1.62
C ALA F 172 -21.83 -8.24 -2.99
N THR F 173 -21.31 -7.56 -4.00
CA THR F 173 -21.80 -7.73 -5.37
C THR F 173 -20.63 -7.86 -6.34
N GLY F 174 -20.84 -8.59 -7.43
CA GLY F 174 -19.83 -8.75 -8.45
C GLY F 174 -20.10 -7.85 -9.64
N ARG F 175 -19.04 -7.47 -10.36
CA ARG F 175 -19.16 -6.55 -11.48
C ARG F 175 -18.44 -7.09 -12.70
N VAL F 176 -19.00 -6.83 -13.88
CA VAL F 176 -18.38 -7.23 -15.14
C VAL F 176 -18.37 -6.05 -16.12
N TYR F 177 -17.19 -5.72 -16.62
CA TYR F 177 -17.02 -4.67 -17.63
C TYR F 177 -16.47 -5.28 -18.91
N LEU F 178 -17.27 -5.28 -19.98
CA LEU F 178 -16.80 -5.79 -21.27
C LEU F 178 -16.91 -4.70 -22.33
N SER F 179 -15.93 -4.64 -23.22
CA SER F 179 -15.94 -3.66 -24.31
C SER F 179 -15.67 -4.31 -25.66
N GLY F 180 -15.83 -3.53 -26.72
CA GLY F 180 -15.64 -4.01 -28.08
C GLY F 180 -16.66 -3.37 -28.99
N THR F 181 -16.81 -3.91 -30.20
CA THR F 181 -17.83 -3.40 -31.10
C THR F 181 -19.22 -3.71 -30.54
N GLU F 182 -20.21 -2.94 -30.98
CA GLU F 182 -21.54 -2.99 -30.41
C GLU F 182 -22.25 -4.32 -30.65
N ALA F 183 -21.98 -4.91 -31.80
CA ALA F 183 -22.60 -6.18 -32.16
C ALA F 183 -22.11 -7.30 -31.25
N ASP F 184 -20.80 -7.38 -31.07
CA ASP F 184 -20.19 -8.43 -30.26
C ASP F 184 -20.48 -8.25 -28.78
N VAL F 185 -20.69 -7.01 -28.36
CA VAL F 185 -20.97 -6.73 -26.96
C VAL F 185 -22.34 -7.29 -26.57
N ARG F 186 -23.30 -7.23 -27.47
CA ARG F 186 -24.64 -7.71 -27.15
C ARG F 186 -24.71 -9.25 -27.11
N GLN F 187 -23.98 -9.92 -28.00
CA GLN F 187 -23.90 -11.38 -27.93
C GLN F 187 -23.27 -11.78 -26.61
N ALA F 188 -22.19 -11.09 -26.25
CA ALA F 188 -21.49 -11.35 -24.99
C ALA F 188 -22.41 -11.10 -23.80
N ALA F 189 -23.17 -10.00 -23.87
CA ALA F 189 -24.08 -9.62 -22.80
C ALA F 189 -25.19 -10.65 -22.60
N ASP F 190 -25.80 -11.08 -23.69
CA ASP F 190 -26.93 -11.99 -23.60
C ASP F 190 -26.46 -13.41 -23.31
N ALA F 191 -25.20 -13.70 -23.62
CA ALA F 191 -24.58 -14.97 -23.22
C ALA F 191 -24.27 -14.94 -21.73
N ALA F 192 -23.85 -13.78 -21.26
CA ALA F 192 -23.59 -13.59 -19.83
C ALA F 192 -24.88 -13.77 -19.05
N ARG F 193 -25.96 -13.17 -19.56
CA ARG F 193 -27.26 -13.25 -18.90
C ARG F 193 -27.82 -14.67 -18.92
N ASP F 194 -27.69 -15.35 -20.06
CA ASP F 194 -28.19 -16.72 -20.19
C ASP F 194 -27.39 -17.69 -19.31
N ALA F 195 -26.11 -17.44 -19.17
CA ALA F 195 -25.26 -18.25 -18.28
C ALA F 195 -25.77 -18.12 -16.85
N LEU F 196 -26.28 -16.95 -16.52
CA LEU F 196 -26.82 -16.70 -15.19
C LEU F 196 -28.27 -17.17 -15.09
N ALA F 197 -29.01 -17.07 -16.19
CA ALA F 197 -30.43 -17.39 -16.22
C ALA F 197 -30.72 -18.87 -16.02
N VAL F 198 -29.92 -19.73 -16.65
CA VAL F 198 -30.09 -21.17 -16.53
C VAL F 198 -29.83 -21.64 -15.09
N LEU F 199 -29.09 -20.83 -14.33
CA LEU F 199 -28.86 -21.10 -12.92
C LEU F 199 -29.94 -20.47 -12.05
N GLN F 200 -30.44 -19.31 -12.47
CA GLN F 200 -31.54 -18.64 -11.78
C GLN F 200 -32.75 -19.56 -11.67
N GLY F 201 -33.19 -20.08 -12.81
CA GLY F 201 -34.39 -20.88 -12.90
C GLY F 201 -34.37 -22.22 -12.18
N ALA F 202 -35.51 -22.55 -11.57
CA ALA F 202 -35.68 -23.80 -10.84
C ALA F 202 -37.02 -24.44 -11.16
N LYS F 203 -37.05 -25.77 -11.28
CA LYS F 203 -38.30 -26.50 -11.51
C LYS F 203 -38.33 -27.78 -10.67
#